data_5JD5
#
_entry.id   5JD5
#
_cell.length_a   91.668
_cell.length_b   97.160
_cell.length_c   167.670
_cell.angle_alpha   90.00
_cell.angle_beta   90.00
_cell.angle_gamma   90.00
#
_symmetry.space_group_name_H-M   'P 21 21 21'
#
loop_
_entity.id
_entity.type
_entity.pdbx_description
1 polymer MGS-MilE3
2 non-polymer 'CHLORIDE ION'
3 water water
#
_entity_poly.entity_id   1
_entity_poly.type   'polypeptide(L)'
_entity_poly.pdbx_seq_one_letter_code
;MSGDNPFDPELYKDAAVSAETRALNTALIDLLETSDDNWDIGVEEARARRDRGEGPFPAVPKSPRARTIQIPGKGGDIAL
RIIAPETPKGVYLHFHGGGWVFGSADGQDPMLERISDTTGLVCVSVEYRLAPEHPYPAGPDDCESAALWLVENAKREFGT
DLLTIGGE(OAS)AGGHLAAVTLLRMRDRHGFTGFAGANLVFGAFDLRWTPSARSYGNDRYLILRTLDLEKFDACFLPEN
VDRADPDISPLMANLHDMPPALFTVGTDDALLDDSLFMHARWAAAGNEAELAVYPGGAHGFVAFPGALAASAVQRMDAFL
KRFTD
;
_entity_poly.pdbx_strand_id   A,B,C,D
#
# COMPACT_ATOMS: atom_id res chain seq x y z
N ASN A 5 9.16 13.67 -30.82
CA ASN A 5 9.50 13.13 -32.14
C ASN A 5 8.72 11.85 -32.46
N PRO A 6 8.82 10.81 -31.60
CA PRO A 6 8.12 9.58 -32.00
C PRO A 6 6.60 9.68 -31.89
N PHE A 7 6.10 10.78 -31.32
CA PHE A 7 4.66 10.98 -31.22
C PHE A 7 4.14 12.09 -32.13
N ASP A 8 5.01 12.59 -33.01
CA ASP A 8 4.59 13.49 -34.07
C ASP A 8 3.63 12.71 -34.97
N PRO A 9 2.37 13.16 -35.06
CA PRO A 9 1.37 12.45 -35.86
C PRO A 9 1.74 12.37 -37.34
N GLU A 10 2.56 13.30 -37.83
CA GLU A 10 3.01 13.27 -39.22
C GLU A 10 3.82 12.01 -39.50
N LEU A 11 4.48 11.50 -38.46
CA LEU A 11 5.31 10.32 -38.56
C LEU A 11 4.49 9.10 -38.95
N TYR A 12 3.17 9.15 -38.72
CA TYR A 12 2.32 7.99 -38.93
C TYR A 12 1.45 8.12 -40.18
N LYS A 13 1.63 9.20 -40.93
CA LYS A 13 0.84 9.42 -42.13
C LYS A 13 1.56 8.85 -43.36
N ASP A 14 0.80 8.57 -44.40
CA ASP A 14 1.34 7.96 -45.62
C ASP A 14 2.47 8.79 -46.23
N ALA A 15 2.39 10.11 -46.09
CA ALA A 15 3.36 11.01 -46.71
C ALA A 15 4.78 10.79 -46.18
N ALA A 16 4.89 10.33 -44.94
CA ALA A 16 6.19 10.15 -44.29
C ALA A 16 6.90 8.85 -44.71
N VAL A 17 6.19 7.98 -45.42
CA VAL A 17 6.78 6.75 -45.93
C VAL A 17 7.57 7.02 -47.20
N SER A 18 8.90 6.87 -47.13
CA SER A 18 9.76 7.14 -48.29
C SER A 18 9.38 6.28 -49.48
N ALA A 19 9.70 6.75 -50.68
CA ALA A 19 9.46 6.00 -51.91
C ALA A 19 10.13 4.64 -51.84
N GLU A 20 11.36 4.62 -51.32
CA GLU A 20 12.12 3.40 -51.18
C GLU A 20 11.48 2.41 -50.22
N THR A 21 11.03 2.89 -49.06
CA THR A 21 10.40 2.04 -48.07
C THR A 21 9.10 1.43 -48.59
N ARG A 22 8.26 2.27 -49.20
CA ARG A 22 7.00 1.80 -49.77
C ARG A 22 7.24 0.72 -50.83
N ALA A 23 8.25 0.93 -51.67
CA ALA A 23 8.55 0.00 -52.73
C ALA A 23 9.04 -1.34 -52.19
N LEU A 24 9.86 -1.29 -51.14
CA LEU A 24 10.36 -2.50 -50.48
C LEU A 24 9.24 -3.32 -49.88
N ASN A 25 8.36 -2.63 -49.13
CA ASN A 25 7.22 -3.27 -48.50
C ASN A 25 6.29 -3.89 -49.53
N THR A 26 6.09 -3.20 -50.64
CA THR A 26 5.19 -3.69 -51.67
C THR A 26 5.75 -4.98 -52.26
N ALA A 27 7.07 -5.01 -52.45
CA ALA A 27 7.73 -6.18 -53.02
C ALA A 27 7.75 -7.34 -52.04
N LEU A 28 7.91 -7.03 -50.75
CA LEU A 28 7.88 -8.05 -49.70
C LEU A 28 6.51 -8.71 -49.60
N ILE A 29 5.47 -7.88 -49.62
CA ILE A 29 4.10 -8.36 -49.59
C ILE A 29 3.84 -9.31 -50.75
N ASP A 30 4.23 -8.89 -51.95
CA ASP A 30 4.05 -9.70 -53.15
C ASP A 30 4.81 -11.00 -53.03
N LEU A 31 6.05 -10.90 -52.57
CA LEU A 31 6.90 -12.07 -52.37
C LEU A 31 6.25 -13.08 -51.42
N LEU A 32 5.72 -12.57 -50.32
CA LEU A 32 5.10 -13.43 -49.31
C LEU A 32 3.76 -13.99 -49.75
N GLU A 33 3.00 -13.22 -50.53
CA GLU A 33 1.70 -13.68 -50.97
C GLU A 33 1.82 -14.66 -52.14
N THR A 34 2.98 -14.66 -52.78
CA THR A 34 3.27 -15.58 -53.87
C THR A 34 3.67 -16.95 -53.32
N SER A 35 4.49 -16.93 -52.27
CA SER A 35 5.02 -18.15 -51.68
C SER A 35 3.98 -18.86 -50.82
N ASP A 36 4.21 -20.16 -50.59
CA ASP A 36 3.33 -20.95 -49.73
C ASP A 36 3.33 -20.42 -48.30
N ASP A 37 2.13 -20.37 -47.71
CA ASP A 37 1.97 -19.92 -46.33
C ASP A 37 2.57 -20.95 -45.37
N ASN A 38 3.22 -20.47 -44.32
CA ASN A 38 3.82 -21.35 -43.32
C ASN A 38 2.77 -22.21 -42.60
N TRP A 39 1.56 -21.67 -42.46
CA TRP A 39 0.50 -22.37 -41.75
C TRP A 39 -0.18 -23.38 -42.68
N ASP A 40 0.13 -23.29 -43.97
CA ASP A 40 -0.42 -24.23 -44.95
C ASP A 40 0.50 -25.43 -45.12
N ILE A 41 1.81 -25.20 -45.01
CA ILE A 41 2.78 -26.27 -45.14
C ILE A 41 3.09 -26.90 -43.78
N GLY A 42 2.62 -26.28 -42.71
CA GLY A 42 2.84 -26.82 -41.38
C GLY A 42 4.17 -26.40 -40.79
N VAL A 43 4.25 -26.42 -39.46
CA VAL A 43 5.41 -25.91 -38.73
C VAL A 43 6.73 -26.56 -39.12
N GLU A 44 6.81 -27.88 -39.03
CA GLU A 44 8.06 -28.59 -39.28
C GLU A 44 8.55 -28.42 -40.71
N GLU A 45 7.63 -28.41 -41.67
CA GLU A 45 8.02 -28.23 -43.07
C GLU A 45 8.50 -26.80 -43.29
N ALA A 46 7.86 -25.84 -42.63
CA ALA A 46 8.24 -24.44 -42.73
C ALA A 46 9.66 -24.23 -42.19
N ARG A 47 9.97 -24.90 -41.08
CA ARG A 47 11.31 -24.85 -40.52
C ARG A 47 12.31 -25.51 -41.45
N ALA A 48 11.92 -26.66 -41.98
CA ALA A 48 12.78 -27.44 -42.88
C ALA A 48 13.10 -26.66 -44.14
N ARG A 49 12.12 -25.91 -44.64
CA ARG A 49 12.31 -25.12 -45.85
C ARG A 49 13.26 -23.95 -45.60
N ARG A 50 13.10 -23.29 -44.46
CA ARG A 50 14.04 -22.24 -44.06
C ARG A 50 15.43 -22.84 -43.84
N ASP A 51 15.45 -24.03 -43.25
CA ASP A 51 16.69 -24.74 -42.96
C ASP A 51 17.52 -24.99 -44.23
N ARG A 52 16.87 -25.50 -45.27
CA ARG A 52 17.59 -25.80 -46.51
C ARG A 52 17.57 -24.62 -47.47
N GLY A 53 17.34 -23.44 -46.92
CA GLY A 53 17.29 -22.21 -47.66
C GLY A 53 16.23 -21.97 -48.70
N GLU A 54 15.15 -22.70 -48.62
CA GLU A 54 14.06 -22.63 -49.58
C GLU A 54 12.89 -21.70 -49.29
N GLY A 55 12.94 -20.91 -48.24
CA GLY A 55 11.84 -20.06 -47.88
C GLY A 55 11.67 -18.79 -48.64
N PRO A 56 10.56 -18.11 -48.40
CA PRO A 56 10.39 -16.81 -49.07
C PRO A 56 11.69 -16.01 -49.15
N PHE A 57 12.49 -16.07 -48.10
CA PHE A 57 13.71 -15.26 -48.02
C PHE A 57 14.95 -16.12 -48.21
N PRO A 58 16.00 -15.55 -48.82
CA PRO A 58 17.24 -16.29 -49.04
C PRO A 58 17.90 -16.66 -47.72
N ALA A 59 18.64 -17.76 -47.69
CA ALA A 59 19.27 -18.24 -46.47
C ALA A 59 20.22 -17.19 -45.89
N VAL A 60 20.44 -17.29 -44.58
CA VAL A 60 21.31 -16.35 -43.88
C VAL A 60 22.61 -17.05 -43.55
N PRO A 61 23.73 -16.56 -44.10
CA PRO A 61 25.04 -17.21 -43.96
C PRO A 61 25.49 -17.31 -42.50
N LYS A 62 26.19 -18.39 -42.16
CA LYS A 62 26.71 -18.54 -40.81
C LYS A 62 28.15 -18.04 -40.74
N SER A 63 28.51 -17.39 -39.63
CA SER A 63 29.87 -16.92 -39.44
C SER A 63 30.78 -18.07 -39.00
N PRO A 64 31.99 -18.13 -39.56
CA PRO A 64 32.97 -19.12 -39.09
C PRO A 64 33.49 -18.75 -37.72
N ARG A 65 33.19 -17.54 -37.26
CA ARG A 65 33.61 -17.08 -35.94
C ARG A 65 32.68 -17.61 -34.85
N ALA A 66 31.52 -18.12 -35.25
CA ALA A 66 30.55 -18.58 -34.28
C ALA A 66 31.00 -19.90 -33.65
N ARG A 67 30.83 -19.99 -32.34
CA ARG A 67 31.10 -21.22 -31.60
C ARG A 67 29.97 -21.46 -30.60
N THR A 68 29.86 -22.68 -30.09
CA THR A 68 28.71 -23.04 -29.27
C THR A 68 29.10 -23.49 -27.87
N ILE A 69 28.35 -22.99 -26.89
CA ILE A 69 28.50 -23.45 -25.51
C ILE A 69 27.21 -24.14 -25.07
N GLN A 70 27.30 -25.42 -24.74
CA GLN A 70 26.15 -26.12 -24.19
C GLN A 70 26.06 -25.87 -22.67
N ILE A 71 24.90 -25.39 -22.21
CA ILE A 71 24.68 -25.25 -20.77
C ILE A 71 23.48 -26.10 -20.34
N PRO A 72 23.40 -26.44 -19.05
CA PRO A 72 22.26 -27.26 -18.65
C PRO A 72 20.95 -26.46 -18.54
N GLY A 73 19.86 -27.08 -18.98
CA GLY A 73 18.54 -26.47 -18.89
C GLY A 73 17.55 -27.44 -18.30
N LYS A 74 16.33 -26.99 -18.09
CA LYS A 74 15.28 -27.80 -17.49
C LYS A 74 14.89 -28.98 -18.39
N GLY A 75 15.04 -28.80 -19.70
CA GLY A 75 14.65 -29.83 -20.64
C GLY A 75 15.83 -30.49 -21.32
N GLY A 76 17.03 -30.27 -20.78
CA GLY A 76 18.24 -30.79 -21.39
C GLY A 76 19.24 -29.67 -21.69
N ASP A 77 20.20 -29.95 -22.56
CA ASP A 77 21.19 -28.93 -22.91
C ASP A 77 20.54 -27.75 -23.65
N ILE A 78 21.07 -26.57 -23.40
CA ILE A 78 20.68 -25.38 -24.15
C ILE A 78 21.91 -24.86 -24.88
N ALA A 79 21.80 -24.70 -26.19
CA ALA A 79 22.90 -24.22 -26.99
C ALA A 79 23.00 -22.70 -26.91
N LEU A 80 24.17 -22.20 -26.53
CA LEU A 80 24.45 -20.77 -26.58
C LEU A 80 25.39 -20.49 -27.75
N ARG A 81 24.98 -19.62 -28.66
CA ARG A 81 25.80 -19.31 -29.83
C ARG A 81 26.60 -18.04 -29.63
N ILE A 82 27.91 -18.15 -29.84
CA ILE A 82 28.86 -17.12 -29.46
C ILE A 82 29.55 -16.47 -30.66
N ILE A 83 29.52 -15.14 -30.72
CA ILE A 83 30.40 -14.41 -31.62
C ILE A 83 31.12 -13.35 -30.79
N ALA A 84 32.43 -13.49 -30.64
CA ALA A 84 33.17 -12.70 -29.68
C ALA A 84 34.32 -11.90 -30.30
N PRO A 85 34.56 -10.70 -29.78
CA PRO A 85 35.76 -9.93 -30.13
C PRO A 85 36.98 -10.56 -29.47
N GLU A 86 38.17 -10.05 -29.77
CA GLU A 86 39.38 -10.55 -29.11
C GLU A 86 39.35 -10.21 -27.63
N THR A 87 38.97 -8.98 -27.31
CA THR A 87 38.84 -8.55 -25.93
C THR A 87 37.43 -8.01 -25.70
N PRO A 88 36.52 -8.88 -25.24
CA PRO A 88 35.12 -8.51 -24.99
C PRO A 88 34.99 -7.35 -23.99
N LYS A 89 34.15 -6.37 -24.31
CA LYS A 89 33.90 -5.25 -23.41
C LYS A 89 32.60 -5.48 -22.62
N GLY A 90 31.97 -6.62 -22.87
CA GLY A 90 30.72 -6.97 -22.23
C GLY A 90 29.99 -8.02 -23.04
N VAL A 91 28.77 -8.34 -22.61
CA VAL A 91 27.97 -9.38 -23.23
C VAL A 91 26.63 -8.83 -23.74
N TYR A 92 26.24 -9.23 -24.94
CA TYR A 92 24.89 -8.97 -25.44
C TYR A 92 24.13 -10.29 -25.47
N LEU A 93 23.19 -10.45 -24.54
CA LEU A 93 22.37 -11.66 -24.47
C LEU A 93 21.19 -11.49 -25.39
N HIS A 94 21.15 -12.32 -26.45
CA HIS A 94 20.20 -12.11 -27.54
C HIS A 94 19.20 -13.25 -27.70
N PHE A 95 17.96 -12.91 -28.05
CA PHE A 95 16.91 -13.89 -28.30
C PHE A 95 16.27 -13.65 -29.67
N HIS A 96 16.32 -14.66 -30.54
CA HIS A 96 15.77 -14.53 -31.89
C HIS A 96 14.25 -14.43 -31.85
N GLY A 97 13.67 -13.90 -32.92
CA GLY A 97 12.22 -13.82 -33.03
C GLY A 97 11.68 -15.01 -33.80
N GLY A 98 10.37 -15.01 -34.04
CA GLY A 98 9.74 -16.12 -34.74
C GLY A 98 8.50 -16.65 -34.04
N GLY A 99 7.87 -15.80 -33.24
CA GLY A 99 6.61 -16.13 -32.60
C GLY A 99 6.65 -17.32 -31.67
N TRP A 100 7.81 -17.55 -31.05
CA TRP A 100 8.04 -18.64 -30.09
C TRP A 100 7.98 -20.01 -30.76
N VAL A 101 7.90 -19.99 -32.09
CA VAL A 101 7.73 -21.19 -32.90
C VAL A 101 8.86 -21.38 -33.92
N PHE A 102 9.19 -20.32 -34.63
CA PHE A 102 10.21 -20.39 -35.68
C PHE A 102 11.49 -19.67 -35.27
N GLY A 103 12.51 -19.78 -36.12
CA GLY A 103 13.77 -19.10 -35.91
C GLY A 103 14.73 -19.97 -35.14
N SER A 104 15.96 -19.49 -34.96
CA SER A 104 17.01 -20.27 -34.31
C SER A 104 18.13 -19.35 -33.83
N ALA A 105 18.98 -19.88 -32.93
CA ALA A 105 20.14 -19.12 -32.46
C ALA A 105 21.12 -18.82 -33.59
N ASP A 106 21.17 -19.68 -34.60
CA ASP A 106 22.10 -19.48 -35.72
C ASP A 106 21.47 -18.87 -36.96
N GLY A 107 20.37 -18.15 -36.79
CA GLY A 107 19.65 -17.63 -37.93
C GLY A 107 19.94 -16.18 -38.26
N GLN A 108 20.89 -15.56 -37.56
CA GLN A 108 21.14 -14.13 -37.74
C GLN A 108 22.59 -13.75 -37.44
N ASP A 109 23.52 -14.59 -37.89
CA ASP A 109 24.94 -14.35 -37.68
C ASP A 109 25.48 -13.01 -38.22
N PRO A 110 25.05 -12.59 -39.43
CA PRO A 110 25.52 -11.28 -39.91
C PRO A 110 25.19 -10.15 -38.93
N MET A 111 23.97 -10.13 -38.42
CA MET A 111 23.56 -9.10 -37.47
C MET A 111 24.40 -9.15 -36.19
N LEU A 112 24.50 -10.34 -35.60
CA LEU A 112 25.28 -10.51 -34.38
C LEU A 112 26.74 -10.11 -34.60
N GLU A 113 27.29 -10.45 -35.75
CA GLU A 113 28.68 -10.14 -36.02
C GLU A 113 28.86 -8.63 -36.13
N ARG A 114 27.90 -7.99 -36.79
CA ARG A 114 27.89 -6.53 -36.91
C ARG A 114 27.85 -5.87 -35.53
N ILE A 115 26.95 -6.35 -34.68
CA ILE A 115 26.81 -5.83 -33.32
C ILE A 115 28.13 -5.96 -32.55
N SER A 116 28.71 -7.14 -32.60
CA SER A 116 29.92 -7.42 -31.83
C SER A 116 31.08 -6.56 -32.28
N ASP A 117 31.30 -6.49 -33.59
CA ASP A 117 32.38 -5.67 -34.13
C ASP A 117 32.24 -4.19 -33.77
N THR A 118 31.01 -3.68 -33.83
CA THR A 118 30.78 -2.26 -33.59
C THR A 118 30.86 -1.92 -32.10
N THR A 119 30.25 -2.75 -31.27
CA THR A 119 30.14 -2.46 -29.85
C THR A 119 31.30 -2.99 -29.00
N GLY A 120 31.96 -4.04 -29.47
CA GLY A 120 32.99 -4.70 -28.69
C GLY A 120 32.38 -5.69 -27.71
N LEU A 121 31.10 -5.99 -27.91
CA LEU A 121 30.36 -6.92 -27.07
C LEU A 121 30.47 -8.34 -27.60
N VAL A 122 30.49 -9.34 -26.71
CA VAL A 122 30.36 -10.71 -27.18
C VAL A 122 28.86 -11.02 -27.29
N CYS A 123 28.44 -11.46 -28.47
CA CYS A 123 27.04 -11.77 -28.65
C CYS A 123 26.76 -13.23 -28.31
N VAL A 124 25.80 -13.43 -27.42
CA VAL A 124 25.37 -14.75 -26.98
C VAL A 124 23.91 -14.93 -27.35
N SER A 125 23.65 -15.74 -28.38
CA SER A 125 22.28 -15.94 -28.83
C SER A 125 21.80 -17.32 -28.38
N VAL A 126 20.60 -17.36 -27.80
CA VAL A 126 20.11 -18.53 -27.10
C VAL A 126 19.19 -19.40 -27.95
N GLU A 127 19.49 -20.70 -28.01
CA GLU A 127 18.61 -21.64 -28.67
C GLU A 127 17.57 -22.15 -27.67
N TYR A 128 16.58 -21.32 -27.39
CA TYR A 128 15.53 -21.70 -26.45
C TYR A 128 14.54 -22.64 -27.13
N ARG A 129 13.91 -23.51 -26.36
CA ARG A 129 12.96 -24.48 -26.90
C ARG A 129 11.76 -23.78 -27.57
N LEU A 130 11.27 -24.37 -28.65
CA LEU A 130 10.23 -23.74 -29.45
C LEU A 130 8.86 -24.42 -29.31
N ALA A 131 7.82 -23.61 -29.37
CA ALA A 131 6.45 -24.09 -29.44
C ALA A 131 6.18 -24.60 -30.86
N PRO A 132 5.14 -25.44 -31.04
CA PRO A 132 4.20 -25.98 -30.07
C PRO A 132 4.69 -27.26 -29.40
N GLU A 133 5.83 -27.78 -29.87
CA GLU A 133 6.43 -28.95 -29.25
C GLU A 133 6.70 -28.70 -27.77
N HIS A 134 7.19 -27.49 -27.48
CA HIS A 134 7.49 -27.09 -26.12
C HIS A 134 6.85 -25.73 -25.84
N PRO A 135 5.59 -25.75 -25.39
CA PRO A 135 4.85 -24.50 -25.12
C PRO A 135 5.37 -23.79 -23.88
N TYR A 136 4.86 -22.59 -23.62
CA TYR A 136 5.13 -21.87 -22.38
C TYR A 136 4.91 -22.80 -21.20
N PRO A 137 5.82 -22.76 -20.20
CA PRO A 137 6.96 -21.86 -20.02
C PRO A 137 8.33 -22.32 -20.55
N ALA A 138 8.38 -23.28 -21.47
CA ALA A 138 9.67 -23.84 -21.89
C ALA A 138 10.66 -22.78 -22.41
N GLY A 139 10.23 -21.99 -23.40
CA GLY A 139 11.07 -20.93 -23.94
C GLY A 139 11.64 -19.97 -22.91
N PRO A 140 10.74 -19.33 -22.13
CA PRO A 140 11.15 -18.47 -21.02
C PRO A 140 12.06 -19.17 -20.01
N ASP A 141 11.76 -20.42 -19.67
CA ASP A 141 12.63 -21.18 -18.75
C ASP A 141 14.06 -21.25 -19.28
N ASP A 142 14.21 -21.52 -20.58
CA ASP A 142 15.54 -21.62 -21.18
C ASP A 142 16.25 -20.27 -21.24
N CYS A 143 15.49 -19.21 -21.50
CA CYS A 143 16.07 -17.87 -21.52
C CYS A 143 16.55 -17.47 -20.12
N GLU A 144 15.76 -17.81 -19.10
CA GLU A 144 16.18 -17.57 -17.71
C GLU A 144 17.43 -18.39 -17.36
N SER A 145 17.47 -19.64 -17.81
CA SER A 145 18.65 -20.49 -17.58
C SER A 145 19.91 -19.86 -18.19
N ALA A 146 19.77 -19.29 -19.38
CA ALA A 146 20.89 -18.62 -20.04
C ALA A 146 21.34 -17.39 -19.24
N ALA A 147 20.39 -16.55 -18.84
CA ALA A 147 20.71 -15.34 -18.09
C ALA A 147 21.42 -15.68 -16.78
N LEU A 148 20.89 -16.67 -16.07
CA LEU A 148 21.50 -17.17 -14.84
C LEU A 148 22.93 -17.64 -15.08
N TRP A 149 23.14 -18.38 -16.17
CA TRP A 149 24.46 -18.92 -16.49
C TRP A 149 25.47 -17.79 -16.73
N LEU A 150 25.03 -16.77 -17.45
CA LEU A 150 25.86 -15.62 -17.76
C LEU A 150 26.25 -14.82 -16.52
N VAL A 151 25.29 -14.56 -15.64
CA VAL A 151 25.59 -13.82 -14.42
C VAL A 151 26.66 -14.59 -13.63
N GLU A 152 26.51 -15.92 -13.58
CA GLU A 152 27.44 -16.74 -12.83
C GLU A 152 28.81 -16.89 -13.51
N ASN A 153 28.84 -16.95 -14.83
CA ASN A 153 30.04 -17.38 -15.54
C ASN A 153 30.67 -16.40 -16.54
N ALA A 154 30.02 -15.26 -16.80
CA ALA A 154 30.52 -14.33 -17.82
C ALA A 154 31.94 -13.84 -17.52
N LYS A 155 32.26 -13.64 -16.24
CA LYS A 155 33.60 -13.20 -15.87
C LYS A 155 34.65 -14.22 -16.28
N ARG A 156 34.41 -15.48 -15.93
CA ARG A 156 35.31 -16.58 -16.27
C ARG A 156 35.44 -16.71 -17.79
N GLU A 157 34.30 -16.79 -18.46
CA GLU A 157 34.26 -17.08 -19.89
C GLU A 157 34.76 -15.94 -20.76
N PHE A 158 34.36 -14.71 -20.44
CA PHE A 158 34.58 -13.58 -21.34
C PHE A 158 35.39 -12.44 -20.73
N GLY A 159 35.74 -12.55 -19.46
CA GLY A 159 36.51 -11.53 -18.78
C GLY A 159 35.76 -10.22 -18.58
N THR A 160 34.46 -10.31 -18.36
CA THR A 160 33.62 -9.11 -18.20
C THR A 160 32.34 -9.44 -17.43
N ASP A 161 31.81 -8.44 -16.73
CA ASP A 161 30.55 -8.59 -16.00
C ASP A 161 29.47 -7.66 -16.53
N LEU A 162 29.82 -6.86 -17.54
CA LEU A 162 28.88 -5.95 -18.18
C LEU A 162 27.92 -6.76 -19.05
N LEU A 163 26.64 -6.70 -18.70
CA LEU A 163 25.62 -7.50 -19.39
C LEU A 163 24.53 -6.63 -20.03
N THR A 164 24.22 -6.94 -21.29
CA THR A 164 23.07 -6.32 -21.95
C THR A 164 22.17 -7.42 -22.50
N ILE A 165 20.94 -7.06 -22.84
CA ILE A 165 19.97 -8.03 -23.31
C ILE A 165 19.18 -7.41 -24.47
N GLY A 166 18.59 -8.25 -25.31
CA GLY A 166 17.84 -7.77 -26.45
C GLY A 166 17.26 -8.87 -27.30
N GLY A 167 16.36 -8.52 -28.20
CA GLY A 167 15.77 -9.49 -29.09
C GLY A 167 14.72 -8.88 -29.98
N GLU A 168 14.41 -9.57 -31.07
CA GLU A 168 13.42 -9.10 -32.01
C GLU A 168 12.11 -9.85 -31.82
N ALA A 170 9.26 -11.85 -30.78
CA ALA A 170 9.12 -12.76 -29.65
C ALA A 170 10.39 -12.76 -28.80
N GLY A 171 11.53 -12.51 -29.43
CA GLY A 171 12.78 -12.38 -28.70
C GLY A 171 12.79 -11.15 -27.82
N GLY A 172 12.11 -10.10 -28.27
CA GLY A 172 11.97 -8.88 -27.48
C GLY A 172 11.09 -9.14 -26.26
N HIS A 173 9.99 -9.83 -26.50
CA HIS A 173 9.16 -10.39 -25.44
C HIS A 173 9.98 -11.16 -24.41
N LEU A 174 10.77 -12.11 -24.90
CA LEU A 174 11.57 -12.95 -24.02
C LEU A 174 12.62 -12.17 -23.24
N ALA A 175 13.19 -11.15 -23.87
CA ALA A 175 14.18 -10.31 -23.20
C ALA A 175 13.54 -9.61 -21.99
N ALA A 176 12.33 -9.11 -22.17
CA ALA A 176 11.62 -8.44 -21.08
C ALA A 176 11.23 -9.42 -19.98
N VAL A 177 10.62 -10.53 -20.38
CA VAL A 177 10.25 -11.59 -19.44
C VAL A 177 11.45 -12.07 -18.62
N THR A 178 12.60 -12.21 -19.28
CA THR A 178 13.83 -12.65 -18.64
C THR A 178 14.34 -11.63 -17.63
N LEU A 179 14.37 -10.36 -18.02
CA LEU A 179 14.73 -9.27 -17.10
C LEU A 179 13.89 -9.32 -15.83
N LEU A 180 12.58 -9.46 -16.01
CA LEU A 180 11.66 -9.45 -14.88
C LEU A 180 11.81 -10.70 -14.02
N ARG A 181 12.11 -11.84 -14.66
CA ARG A 181 12.37 -13.06 -13.91
C ARG A 181 13.66 -12.94 -13.10
N MET A 182 14.67 -12.33 -13.68
CA MET A 182 15.95 -12.19 -12.98
C MET A 182 15.79 -11.29 -11.77
N ARG A 183 14.97 -10.23 -11.90
CA ARG A 183 14.65 -9.39 -10.75
C ARG A 183 13.80 -10.10 -9.71
N ASP A 184 12.68 -10.68 -10.15
CA ASP A 184 11.70 -11.24 -9.21
C ASP A 184 12.19 -12.52 -8.54
N ARG A 185 12.67 -13.47 -9.33
CA ARG A 185 13.02 -14.78 -8.80
C ARG A 185 14.41 -14.83 -8.17
N HIS A 186 15.31 -13.96 -8.62
CA HIS A 186 16.71 -14.05 -8.21
C HIS A 186 17.29 -12.75 -7.63
N GLY A 187 16.49 -11.69 -7.60
CA GLY A 187 16.94 -10.43 -7.03
C GLY A 187 18.07 -9.76 -7.80
N PHE A 188 18.14 -10.03 -9.10
CA PHE A 188 19.21 -9.48 -9.92
C PHE A 188 18.69 -8.36 -10.83
N THR A 189 19.28 -7.19 -10.70
CA THR A 189 18.94 -6.05 -11.56
C THR A 189 20.20 -5.46 -12.16
N GLY A 190 21.11 -6.33 -12.59
CA GLY A 190 22.44 -5.90 -12.99
C GLY A 190 22.67 -5.77 -14.48
N PHE A 191 21.63 -5.89 -15.29
CA PHE A 191 21.77 -5.66 -16.72
C PHE A 191 21.91 -4.17 -16.94
N ALA A 192 22.75 -3.78 -17.90
CA ALA A 192 23.03 -2.37 -18.12
C ALA A 192 22.12 -1.74 -19.18
N GLY A 193 21.59 -2.56 -20.08
CA GLY A 193 20.78 -2.05 -21.17
C GLY A 193 19.93 -3.10 -21.86
N ALA A 194 18.84 -2.66 -22.45
CA ALA A 194 17.86 -3.56 -23.09
C ALA A 194 17.48 -3.05 -24.46
N ASN A 195 17.80 -3.85 -25.48
CA ASN A 195 17.50 -3.53 -26.88
C ASN A 195 16.25 -4.25 -27.34
N LEU A 196 15.09 -3.61 -27.16
CA LEU A 196 13.81 -4.26 -27.43
C LEU A 196 13.25 -3.87 -28.79
N VAL A 197 13.47 -4.75 -29.76
CA VAL A 197 13.18 -4.47 -31.17
C VAL A 197 11.83 -5.06 -31.59
N PHE A 198 10.89 -4.16 -31.89
CA PHE A 198 9.46 -4.46 -32.13
C PHE A 198 8.98 -5.72 -31.44
N GLY A 199 9.04 -5.71 -30.11
CA GLY A 199 8.65 -6.87 -29.34
C GLY A 199 7.16 -6.97 -29.13
N ALA A 200 6.72 -8.14 -28.68
CA ALA A 200 5.33 -8.33 -28.27
C ALA A 200 5.27 -8.31 -26.75
N PHE A 201 4.45 -7.44 -26.18
CA PHE A 201 4.45 -7.31 -24.73
C PHE A 201 3.08 -7.55 -24.10
N ASP A 202 2.04 -7.47 -24.92
CA ASP A 202 0.69 -7.80 -24.45
C ASP A 202 0.13 -8.94 -25.29
N LEU A 203 0.10 -10.15 -24.73
CA LEU A 203 -0.27 -11.31 -25.53
C LEU A 203 -1.79 -11.50 -25.57
N ARG A 204 -2.52 -10.60 -24.90
CA ARG A 204 -3.95 -10.45 -25.15
C ARG A 204 -4.16 -9.84 -26.53
N TRP A 205 -3.08 -9.25 -27.05
CA TRP A 205 -3.01 -8.49 -28.30
C TRP A 205 -3.55 -7.07 -28.16
N THR A 206 -2.64 -6.12 -28.34
CA THR A 206 -2.93 -4.69 -28.30
C THR A 206 -3.87 -4.33 -29.46
N PRO A 207 -4.52 -3.16 -29.39
CA PRO A 207 -5.42 -2.75 -30.48
C PRO A 207 -4.83 -2.86 -31.90
N SER A 208 -3.61 -2.35 -32.09
CA SER A 208 -3.01 -2.40 -33.43
C SER A 208 -2.76 -3.84 -33.88
N ALA A 209 -2.44 -4.72 -32.92
CA ALA A 209 -2.21 -6.13 -33.23
C ALA A 209 -3.50 -6.82 -33.68
N ARG A 210 -4.61 -6.44 -33.05
CA ARG A 210 -5.91 -7.01 -33.41
C ARG A 210 -6.45 -6.50 -34.74
N SER A 211 -6.14 -5.25 -35.06
CA SER A 211 -6.77 -4.58 -36.19
C SER A 211 -5.90 -4.52 -37.45
N TYR A 212 -4.65 -4.99 -37.34
CA TYR A 212 -3.75 -4.95 -38.49
C TYR A 212 -4.34 -5.69 -39.68
N GLY A 213 -4.90 -6.87 -39.41
CA GLY A 213 -5.59 -7.63 -40.43
C GLY A 213 -4.70 -8.57 -41.21
N ASN A 214 -5.27 -9.24 -42.22
CA ASN A 214 -4.55 -10.24 -42.98
C ASN A 214 -4.51 -9.93 -44.47
N ASP A 215 -5.11 -8.82 -44.86
CA ASP A 215 -5.26 -8.48 -46.28
C ASP A 215 -3.94 -8.01 -46.86
N ARG A 216 -2.96 -7.79 -46.00
CA ARG A 216 -1.66 -7.33 -46.45
C ARG A 216 -0.55 -8.09 -45.73
N TYR A 217 0.03 -9.06 -46.42
CA TYR A 217 0.98 -9.98 -45.80
C TYR A 217 2.37 -9.35 -45.69
N LEU A 218 2.45 -8.27 -44.91
CA LEU A 218 3.72 -7.62 -44.66
C LEU A 218 4.39 -8.25 -43.45
N ILE A 219 5.07 -9.38 -43.71
CA ILE A 219 5.81 -10.15 -42.71
C ILE A 219 4.93 -10.78 -41.63
N LEU A 220 4.09 -9.95 -40.99
CA LEU A 220 3.33 -10.41 -39.83
C LEU A 220 1.86 -10.00 -39.91
N ARG A 221 0.98 -11.00 -39.91
CA ARG A 221 -0.46 -10.74 -39.94
C ARG A 221 -1.08 -10.98 -38.58
N THR A 222 -2.27 -10.45 -38.37
CA THR A 222 -3.04 -10.73 -37.16
C THR A 222 -3.23 -12.24 -37.03
N LEU A 223 -3.48 -12.88 -38.17
CA LEU A 223 -3.60 -14.32 -38.25
C LEU A 223 -2.38 -15.03 -37.66
N ASP A 224 -1.19 -14.53 -38.00
CA ASP A 224 0.05 -15.11 -37.50
C ASP A 224 0.12 -15.04 -35.98
N LEU A 225 -0.29 -13.90 -35.41
CA LEU A 225 -0.30 -13.74 -33.97
C LEU A 225 -1.25 -14.74 -33.30
N GLU A 226 -2.42 -14.90 -33.90
CA GLU A 226 -3.41 -15.84 -33.39
C GLU A 226 -2.87 -17.27 -33.41
N LYS A 227 -2.16 -17.62 -34.48
CA LYS A 227 -1.58 -18.94 -34.61
C LYS A 227 -0.43 -19.15 -33.62
N PHE A 228 0.39 -18.11 -33.43
CA PHE A 228 1.50 -18.17 -32.49
C PHE A 228 0.96 -18.40 -31.08
N ASP A 229 -0.10 -17.67 -30.76
CA ASP A 229 -0.78 -17.79 -29.47
C ASP A 229 -1.19 -19.23 -29.21
N ALA A 230 -1.85 -19.83 -30.20
CA ALA A 230 -2.33 -21.20 -30.08
C ALA A 230 -1.18 -22.19 -29.85
N CYS A 231 -0.02 -21.90 -30.42
CA CYS A 231 1.15 -22.78 -30.28
C CYS A 231 1.84 -22.60 -28.93
N PHE A 232 2.03 -21.34 -28.53
CA PHE A 232 2.86 -20.98 -27.39
C PHE A 232 2.13 -21.14 -26.05
N LEU A 233 0.89 -20.67 -26.00
CA LEU A 233 0.15 -20.67 -24.75
C LEU A 233 -0.87 -21.80 -24.67
N PRO A 234 -0.77 -22.61 -23.61
CA PRO A 234 -1.77 -23.65 -23.32
C PRO A 234 -3.11 -23.01 -23.00
N GLU A 235 -4.19 -23.79 -23.07
CA GLU A 235 -5.51 -23.30 -22.70
C GLU A 235 -5.55 -22.92 -21.22
N ASN A 236 -4.68 -23.52 -20.47
CA ASN A 236 -4.68 -23.27 -19.07
C ASN A 236 -4.31 -21.85 -18.61
N VAL A 237 -3.75 -21.01 -19.48
CA VAL A 237 -3.17 -19.74 -19.06
C VAL A 237 -4.13 -18.56 -18.96
N ASP A 238 -3.67 -17.56 -18.23
CA ASP A 238 -4.30 -16.25 -18.14
C ASP A 238 -3.33 -15.26 -18.78
N ARG A 239 -3.69 -14.77 -19.96
CA ARG A 239 -2.78 -13.90 -20.72
C ARG A 239 -2.43 -12.59 -20.03
N ALA A 240 -3.13 -12.29 -18.93
CA ALA A 240 -2.85 -11.08 -18.16
C ALA A 240 -1.71 -11.29 -17.17
N ASP A 241 -1.34 -12.54 -16.96
CA ASP A 241 -0.20 -12.89 -16.10
C ASP A 241 1.04 -12.12 -16.57
N PRO A 242 1.69 -11.38 -15.65
CA PRO A 242 2.84 -10.56 -16.02
C PRO A 242 4.02 -11.36 -16.58
N ASP A 243 4.06 -12.65 -16.30
CA ASP A 243 5.12 -13.50 -16.85
C ASP A 243 4.84 -13.85 -18.30
N ILE A 244 3.57 -13.70 -18.69
CA ILE A 244 3.14 -13.99 -20.05
C ILE A 244 3.04 -12.70 -20.85
N SER A 245 2.45 -11.67 -20.23
CA SER A 245 2.38 -10.33 -20.83
C SER A 245 3.15 -9.35 -19.96
N PRO A 246 4.42 -9.10 -20.30
CA PRO A 246 5.30 -8.24 -19.50
C PRO A 246 4.78 -6.80 -19.38
N LEU A 247 3.92 -6.38 -20.31
CA LEU A 247 3.28 -5.07 -20.19
C LEU A 247 2.48 -4.97 -18.89
N MET A 248 2.01 -6.11 -18.38
CA MET A 248 1.21 -6.13 -17.16
C MET A 248 2.07 -6.07 -15.91
N ALA A 249 3.38 -6.17 -16.07
CA ALA A 249 4.28 -6.30 -14.92
C ALA A 249 4.64 -4.98 -14.26
N ASN A 250 5.00 -5.05 -12.99
CA ASN A 250 5.65 -3.94 -12.31
C ASN A 250 7.05 -3.80 -12.89
N LEU A 251 7.35 -2.62 -13.45
CA LEU A 251 8.59 -2.46 -14.20
C LEU A 251 9.69 -1.72 -13.44
N HIS A 252 9.59 -1.69 -12.11
CA HIS A 252 10.53 -0.91 -11.32
C HIS A 252 11.95 -1.46 -11.46
N ASP A 253 12.92 -0.54 -11.53
CA ASP A 253 14.34 -0.88 -11.51
C ASP A 253 14.78 -1.77 -12.66
N MET A 254 14.30 -1.43 -13.85
CA MET A 254 14.72 -2.08 -15.08
C MET A 254 15.85 -1.26 -15.73
N PRO A 255 16.63 -1.89 -16.63
CA PRO A 255 17.71 -1.15 -17.27
C PRO A 255 17.20 -0.14 -18.29
N PRO A 256 18.04 0.81 -18.68
CA PRO A 256 17.74 1.67 -19.83
C PRO A 256 17.32 0.82 -21.03
N ALA A 257 16.25 1.22 -21.72
CA ALA A 257 15.78 0.46 -22.86
C ALA A 257 15.57 1.32 -24.10
N LEU A 258 15.86 0.72 -25.25
CA LEU A 258 15.57 1.31 -26.54
C LEU A 258 14.48 0.48 -27.22
N PHE A 259 13.36 1.12 -27.50
CA PHE A 259 12.26 0.48 -28.22
C PHE A 259 12.33 0.91 -29.68
N THR A 260 12.56 -0.04 -30.57
CA THR A 260 12.65 0.23 -32.01
C THR A 260 11.45 -0.38 -32.73
N VAL A 261 10.70 0.43 -33.46
CA VAL A 261 9.49 -0.06 -34.11
C VAL A 261 9.17 0.77 -35.35
N GLY A 262 8.56 0.11 -36.34
CA GLY A 262 8.05 0.79 -37.52
C GLY A 262 6.56 1.07 -37.37
N THR A 263 6.06 2.05 -38.12
CA THR A 263 4.65 2.44 -38.03
C THR A 263 3.73 1.47 -38.76
N ASP A 264 4.31 0.62 -39.61
CA ASP A 264 3.53 -0.34 -40.37
C ASP A 264 3.75 -1.75 -39.80
N ASP A 265 3.48 -1.88 -38.50
CA ASP A 265 3.73 -3.09 -37.74
C ASP A 265 2.48 -3.39 -36.92
N ALA A 266 2.01 -4.63 -36.97
CA ALA A 266 0.89 -5.04 -36.14
C ALA A 266 1.19 -4.78 -34.66
N LEU A 267 2.46 -4.91 -34.27
CA LEU A 267 2.83 -4.79 -32.86
C LEU A 267 3.27 -3.38 -32.47
N LEU A 268 2.90 -2.38 -33.29
CA LEU A 268 3.24 -0.98 -32.98
C LEU A 268 2.86 -0.60 -31.55
N ASP A 269 1.61 -0.88 -31.18
CA ASP A 269 1.09 -0.49 -29.86
C ASP A 269 1.86 -1.15 -28.73
N ASP A 270 2.42 -2.33 -28.97
CA ASP A 270 3.20 -3.01 -27.95
C ASP A 270 4.42 -2.17 -27.57
N SER A 271 5.12 -1.65 -28.57
CA SER A 271 6.27 -0.81 -28.31
C SER A 271 5.88 0.55 -27.73
N LEU A 272 4.82 1.16 -28.25
CA LEU A 272 4.34 2.44 -27.71
C LEU A 272 3.90 2.29 -26.24
N PHE A 273 3.15 1.25 -25.93
CA PHE A 273 2.67 1.02 -24.57
C PHE A 273 3.81 0.65 -23.61
N MET A 274 4.68 -0.27 -24.05
CA MET A 274 5.74 -0.76 -23.18
C MET A 274 6.69 0.38 -22.87
N HIS A 275 6.96 1.22 -23.88
CA HIS A 275 7.80 2.38 -23.67
C HIS A 275 7.23 3.30 -22.60
N ALA A 276 5.95 3.65 -22.74
CA ALA A 276 5.28 4.55 -21.79
C ALA A 276 5.36 4.02 -20.36
N ARG A 277 5.14 2.71 -20.19
CA ARG A 277 5.16 2.11 -18.85
C ARG A 277 6.59 2.01 -18.31
N TRP A 278 7.54 1.80 -19.22
CA TRP A 278 8.95 1.70 -18.86
C TRP A 278 9.41 3.03 -18.30
N ALA A 279 9.04 4.11 -18.98
CA ALA A 279 9.37 5.46 -18.52
C ALA A 279 8.62 5.81 -17.24
N ALA A 280 7.36 5.41 -17.15
CA ALA A 280 6.52 5.78 -16.03
C ALA A 280 6.95 5.09 -14.74
N ALA A 281 7.68 3.99 -14.86
CA ALA A 281 8.16 3.27 -13.69
C ALA A 281 9.49 3.83 -13.18
N GLY A 282 9.95 4.91 -13.81
CA GLY A 282 11.17 5.58 -13.39
C GLY A 282 12.46 5.12 -14.09
N ASN A 283 12.32 4.38 -15.17
CA ASN A 283 13.48 3.89 -15.91
C ASN A 283 13.87 4.81 -17.05
N GLU A 284 15.12 4.72 -17.50
CA GLU A 284 15.48 5.36 -18.76
C GLU A 284 14.80 4.60 -19.90
N ALA A 285 14.20 5.33 -20.82
CA ALA A 285 13.47 4.72 -21.91
C ALA A 285 13.51 5.60 -23.15
N GLU A 286 13.88 4.99 -24.27
CA GLU A 286 13.91 5.68 -25.56
C GLU A 286 12.99 4.99 -26.54
N LEU A 287 12.23 5.78 -27.25
CA LEU A 287 11.32 5.28 -28.28
C LEU A 287 11.79 5.78 -29.63
N ALA A 288 12.08 4.87 -30.54
CA ALA A 288 12.52 5.21 -31.89
C ALA A 288 11.53 4.65 -32.90
N VAL A 289 10.80 5.54 -33.55
CA VAL A 289 9.72 5.15 -34.45
C VAL A 289 10.10 5.48 -35.90
N TYR A 290 9.93 4.51 -36.78
CA TYR A 290 10.45 4.64 -38.14
C TYR A 290 9.29 4.60 -39.14
N PRO A 291 9.07 5.72 -39.84
CA PRO A 291 7.88 5.85 -40.69
C PRO A 291 7.83 4.81 -41.80
N GLY A 292 6.75 4.04 -41.83
CA GLY A 292 6.52 3.07 -42.90
C GLY A 292 7.18 1.73 -42.65
N GLY A 293 7.95 1.65 -41.57
CA GLY A 293 8.68 0.44 -41.24
C GLY A 293 7.79 -0.76 -41.03
N ALA A 294 8.07 -1.84 -41.76
CA ALA A 294 7.34 -3.09 -41.55
C ALA A 294 7.73 -3.72 -40.24
N HIS A 295 6.94 -4.71 -39.80
CA HIS A 295 7.45 -5.62 -38.79
C HIS A 295 8.71 -6.28 -39.35
N GLY A 296 9.79 -6.28 -38.58
CA GLY A 296 11.03 -6.89 -39.01
C GLY A 296 11.86 -6.04 -39.96
N PHE A 297 11.58 -4.75 -40.02
CA PHE A 297 12.11 -3.89 -41.09
C PHE A 297 13.62 -3.71 -41.03
N VAL A 298 14.21 -3.94 -39.85
CA VAL A 298 15.64 -3.66 -39.64
C VAL A 298 16.54 -4.66 -40.37
N ALA A 299 15.98 -5.76 -40.85
CA ALA A 299 16.78 -6.78 -41.54
C ALA A 299 16.87 -6.51 -43.04
N PHE A 300 16.05 -5.58 -43.52
CA PHE A 300 15.91 -5.36 -44.95
C PHE A 300 16.92 -4.30 -45.42
N PRO A 301 17.22 -4.28 -46.72
CA PRO A 301 18.08 -3.20 -47.23
C PRO A 301 17.34 -1.87 -47.22
N GLY A 302 18.04 -0.77 -47.46
CA GLY A 302 17.39 0.52 -47.52
C GLY A 302 17.78 1.46 -46.39
N ALA A 303 17.49 2.73 -46.60
CA ALA A 303 17.95 3.78 -45.68
C ALA A 303 17.23 3.73 -44.34
N LEU A 304 15.97 3.33 -44.33
CA LEU A 304 15.20 3.34 -43.08
C LEU A 304 15.77 2.30 -42.12
N ALA A 305 16.05 1.11 -42.64
CA ALA A 305 16.65 0.05 -41.83
C ALA A 305 18.06 0.45 -41.37
N ALA A 306 18.82 1.07 -42.26
CA ALA A 306 20.17 1.50 -41.94
C ALA A 306 20.18 2.47 -40.76
N SER A 307 19.20 3.38 -40.74
CA SER A 307 19.10 4.35 -39.66
CA SER A 307 19.11 4.35 -39.66
C SER A 307 18.77 3.68 -38.33
N ALA A 308 17.88 2.69 -38.37
CA ALA A 308 17.49 1.99 -37.15
C ALA A 308 18.67 1.18 -36.60
N VAL A 309 19.43 0.57 -37.51
CA VAL A 309 20.61 -0.20 -37.14
C VAL A 309 21.68 0.66 -36.48
N GLN A 310 21.94 1.83 -37.05
CA GLN A 310 22.92 2.76 -36.49
CA GLN A 310 22.92 2.76 -36.49
C GLN A 310 22.52 3.11 -35.06
N ARG A 311 21.25 3.42 -34.87
CA ARG A 311 20.71 3.82 -33.58
C ARG A 311 20.87 2.71 -32.54
N MET A 312 20.45 1.50 -32.91
CA MET A 312 20.52 0.35 -32.01
C MET A 312 21.94 -0.01 -31.61
N ASP A 313 22.86 -0.03 -32.58
CA ASP A 313 24.24 -0.40 -32.30
C ASP A 313 24.90 0.66 -31.42
N ALA A 314 24.61 1.93 -31.70
CA ALA A 314 25.12 3.02 -30.89
C ALA A 314 24.57 2.93 -29.46
N PHE A 315 23.32 2.51 -29.33
CA PHE A 315 22.71 2.31 -28.03
C PHE A 315 23.47 1.27 -27.21
N LEU A 316 23.77 0.13 -27.84
CA LEU A 316 24.50 -0.93 -27.15
C LEU A 316 25.93 -0.51 -26.82
N LYS A 317 26.59 0.16 -27.77
CA LYS A 317 27.98 0.58 -27.58
C LYS A 317 28.13 1.53 -26.39
N ARG A 318 27.08 2.29 -26.12
CA ARG A 318 27.08 3.28 -25.05
C ARG A 318 27.47 2.68 -23.69
N PHE A 319 27.04 1.44 -23.45
CA PHE A 319 27.24 0.81 -22.15
C PHE A 319 28.62 0.21 -21.98
N THR A 320 29.42 0.25 -23.04
CA THR A 320 30.82 -0.15 -22.96
C THR A 320 31.72 1.07 -22.92
N ASP A 321 32.85 0.94 -22.23
CA ASP A 321 33.89 1.97 -22.21
C ASP A 321 35.26 1.31 -22.06
N ASP B 4 15.90 7.83 33.87
CA ASP B 4 14.69 7.18 34.35
C ASP B 4 14.22 6.17 33.30
N ASN B 5 13.64 5.06 33.76
CA ASN B 5 13.17 4.00 32.88
C ASN B 5 11.77 3.53 33.30
N PRO B 6 10.75 3.88 32.50
CA PRO B 6 9.36 3.54 32.83
C PRO B 6 9.05 2.06 32.63
N PHE B 7 9.97 1.29 32.05
CA PHE B 7 9.75 -0.15 31.87
C PHE B 7 10.61 -1.00 32.80
N ASP B 8 11.24 -0.37 33.78
CA ASP B 8 11.91 -1.09 34.86
C ASP B 8 10.84 -1.82 35.67
N PRO B 9 10.91 -3.16 35.70
CA PRO B 9 9.89 -3.97 36.41
C PRO B 9 9.82 -3.66 37.91
N GLU B 10 10.89 -3.12 38.49
CA GLU B 10 10.90 -2.77 39.91
C GLU B 10 9.91 -1.65 40.19
N LEU B 11 9.64 -0.86 39.17
CA LEU B 11 8.71 0.26 39.28
C LEU B 11 7.30 -0.23 39.57
N TYR B 12 7.00 -1.46 39.16
CA TYR B 12 5.65 -1.98 39.22
C TYR B 12 5.41 -2.89 40.42
N LYS B 13 6.43 -3.05 41.26
CA LYS B 13 6.33 -3.92 42.43
C LYS B 13 5.93 -3.13 43.67
N ASP B 14 5.35 -3.82 44.64
CA ASP B 14 4.88 -3.20 45.88
C ASP B 14 5.95 -2.35 46.57
N ALA B 15 7.19 -2.83 46.53
CA ALA B 15 8.28 -2.19 47.27
C ALA B 15 8.56 -0.77 46.79
N ALA B 16 8.19 -0.47 45.54
CA ALA B 16 8.46 0.85 44.96
C ALA B 16 7.42 1.89 45.38
N VAL B 17 6.32 1.44 45.98
CA VAL B 17 5.30 2.34 46.48
C VAL B 17 5.72 2.93 47.83
N SER B 18 5.94 4.24 47.87
CA SER B 18 6.39 4.90 49.09
C SER B 18 5.36 4.74 50.19
N ALA B 19 5.80 4.88 51.44
CA ALA B 19 4.91 4.79 52.59
C ALA B 19 3.81 5.85 52.50
N GLU B 20 4.19 7.06 52.09
CA GLU B 20 3.25 8.16 51.93
C GLU B 20 2.18 7.84 50.88
N THR B 21 2.62 7.36 49.72
CA THR B 21 1.68 7.04 48.65
C THR B 21 0.72 5.91 49.05
N ARG B 22 1.26 4.88 49.69
CA ARG B 22 0.41 3.78 50.15
C ARG B 22 -0.63 4.27 51.14
N ALA B 23 -0.19 5.07 52.11
CA ALA B 23 -1.10 5.59 53.12
C ALA B 23 -2.16 6.48 52.48
N LEU B 24 -1.76 7.26 51.48
CA LEU B 24 -2.67 8.09 50.69
C LEU B 24 -3.78 7.26 50.08
N ASN B 25 -3.40 6.30 49.25
CA ASN B 25 -4.35 5.47 48.52
C ASN B 25 -5.24 4.66 49.45
N THR B 26 -4.67 4.18 50.55
CA THR B 26 -5.44 3.43 51.54
C THR B 26 -6.55 4.32 52.10
N ALA B 27 -6.23 5.58 52.36
CA ALA B 27 -7.19 6.54 52.90
C ALA B 27 -8.26 6.88 51.87
N LEU B 28 -7.83 7.09 50.63
CA LEU B 28 -8.76 7.37 49.52
C LEU B 28 -9.77 6.25 49.36
N ILE B 29 -9.29 5.01 49.38
CA ILE B 29 -10.13 3.84 49.25
C ILE B 29 -11.17 3.81 50.36
N ASP B 30 -10.71 3.97 51.59
CA ASP B 30 -11.60 4.05 52.74
C ASP B 30 -12.64 5.15 52.59
N LEU B 31 -12.20 6.30 52.12
CA LEU B 31 -13.08 7.46 51.96
C LEU B 31 -14.17 7.19 50.93
N LEU B 32 -13.78 6.60 49.81
CA LEU B 32 -14.71 6.34 48.72
C LEU B 32 -15.69 5.19 49.02
N GLU B 33 -15.24 4.20 49.79
CA GLU B 33 -16.09 3.08 50.12
C GLU B 33 -17.00 3.41 51.30
N THR B 34 -16.69 4.53 51.97
CA THR B 34 -17.53 5.02 53.05
C THR B 34 -18.69 5.85 52.49
N SER B 35 -18.37 6.74 51.56
CA SER B 35 -19.35 7.61 50.94
C SER B 35 -20.32 6.83 50.06
N ASP B 36 -21.48 7.43 49.78
CA ASP B 36 -22.42 6.88 48.81
C ASP B 36 -21.79 6.80 47.43
N ASP B 37 -22.06 5.72 46.72
CA ASP B 37 -21.53 5.50 45.39
C ASP B 37 -22.27 6.40 44.38
N ASN B 38 -21.55 6.90 43.38
CA ASN B 38 -22.16 7.74 42.35
C ASN B 38 -23.30 7.04 41.63
N TRP B 39 -23.12 5.76 41.31
CA TRP B 39 -24.09 5.02 40.52
C TRP B 39 -25.31 4.63 41.34
N ASP B 40 -25.19 4.64 42.65
CA ASP B 40 -26.32 4.34 43.53
C ASP B 40 -27.25 5.56 43.67
N ILE B 41 -26.67 6.74 43.80
CA ILE B 41 -27.48 7.95 43.95
C ILE B 41 -27.95 8.44 42.58
N GLY B 42 -27.21 8.08 41.54
CA GLY B 42 -27.58 8.45 40.19
C GLY B 42 -26.71 9.58 39.66
N VAL B 43 -26.60 9.65 38.34
CA VAL B 43 -25.75 10.63 37.67
C VAL B 43 -26.10 12.06 38.06
N GLU B 44 -27.38 12.39 37.97
CA GLU B 44 -27.85 13.74 38.27
C GLU B 44 -27.52 14.16 39.70
N GLU B 45 -27.86 13.32 40.67
CA GLU B 45 -27.60 13.63 42.06
C GLU B 45 -26.09 13.65 42.35
N ALA B 46 -25.35 12.79 41.65
CA ALA B 46 -23.90 12.74 41.81
C ALA B 46 -23.27 14.07 41.41
N ARG B 47 -23.64 14.59 40.24
CA ARG B 47 -23.21 15.92 39.82
C ARG B 47 -23.70 16.97 40.81
N ALA B 48 -24.93 16.77 41.30
CA ALA B 48 -25.54 17.71 42.22
C ALA B 48 -24.79 17.80 43.54
N ARG B 49 -24.32 16.66 44.05
CA ARG B 49 -23.57 16.68 45.30
C ARG B 49 -22.20 17.32 45.09
N ARG B 50 -21.64 17.10 43.90
CA ARG B 50 -20.32 17.62 43.57
C ARG B 50 -20.26 19.16 43.60
N ASP B 51 -21.16 19.81 42.88
CA ASP B 51 -21.10 21.26 42.77
C ASP B 51 -21.55 21.93 44.07
N ARG B 52 -22.28 21.20 44.91
CA ARG B 52 -22.61 21.68 46.24
C ARG B 52 -21.43 21.46 47.20
N GLY B 53 -20.42 20.75 46.72
CA GLY B 53 -19.25 20.44 47.52
C GLY B 53 -19.56 19.41 48.59
N GLU B 54 -20.45 18.48 48.28
CA GLU B 54 -20.87 17.47 49.24
C GLU B 54 -20.53 16.05 48.79
N GLY B 55 -19.66 15.92 47.79
CA GLY B 55 -19.20 14.63 47.35
C GLY B 55 -18.19 14.07 48.32
N PRO B 56 -17.52 12.96 47.94
CA PRO B 56 -16.46 12.40 48.78
C PRO B 56 -15.30 13.38 48.97
N PHE B 57 -14.99 14.16 47.94
CA PHE B 57 -13.93 15.16 48.03
C PHE B 57 -14.51 16.54 48.26
N PRO B 58 -13.75 17.42 48.96
CA PRO B 58 -14.24 18.79 49.21
C PRO B 58 -14.32 19.59 47.91
N ALA B 59 -15.05 20.69 47.94
CA ALA B 59 -15.23 21.52 46.75
C ALA B 59 -13.90 22.06 46.26
N VAL B 60 -13.82 22.31 44.96
CA VAL B 60 -12.62 22.89 44.37
C VAL B 60 -12.88 24.37 44.09
N PRO B 61 -12.09 25.26 44.73
CA PRO B 61 -12.31 26.70 44.63
C PRO B 61 -12.20 27.21 43.20
N LYS B 62 -13.06 28.14 42.83
CA LYS B 62 -12.99 28.75 41.52
C LYS B 62 -12.12 30.00 41.58
N SER B 63 -11.39 30.27 40.51
CA SER B 63 -10.54 31.46 40.47
C SER B 63 -11.32 32.68 40.01
N PRO B 64 -11.10 33.83 40.67
CA PRO B 64 -11.75 35.07 40.23
C PRO B 64 -11.19 35.52 38.87
N ARG B 65 -10.02 35.00 38.51
CA ARG B 65 -9.39 35.31 37.23
C ARG B 65 -10.12 34.65 36.07
N ALA B 66 -10.82 33.56 36.34
CA ALA B 66 -11.51 32.80 35.31
C ALA B 66 -12.59 33.62 34.64
N ARG B 67 -12.61 33.60 33.31
CA ARG B 67 -13.67 34.22 32.53
C ARG B 67 -14.15 33.27 31.43
N THR B 68 -15.30 33.56 30.84
CA THR B 68 -15.93 32.61 29.93
C THR B 68 -16.18 33.19 28.54
N ILE B 69 -15.88 32.41 27.51
CA ILE B 69 -16.24 32.75 26.15
C ILE B 69 -17.18 31.67 25.60
N GLN B 70 -18.34 32.09 25.12
CA GLN B 70 -19.27 31.16 24.49
C GLN B 70 -19.00 31.10 23.00
N ILE B 71 -18.86 29.90 22.45
CA ILE B 71 -18.70 29.73 21.01
C ILE B 71 -19.84 28.87 20.46
N PRO B 72 -20.14 28.99 19.16
CA PRO B 72 -21.22 28.15 18.62
C PRO B 72 -20.80 26.70 18.44
N GLY B 73 -21.70 25.80 18.82
CA GLY B 73 -21.47 24.37 18.65
C GLY B 73 -22.69 23.72 18.04
N LYS B 74 -22.57 22.43 17.75
CA LYS B 74 -23.61 21.70 17.04
C LYS B 74 -24.91 21.59 17.83
N GLY B 75 -24.81 21.64 19.15
CA GLY B 75 -26.00 21.50 19.98
C GLY B 75 -26.37 22.76 20.75
N GLY B 76 -25.65 23.83 20.48
CA GLY B 76 -25.84 25.07 21.21
C GLY B 76 -24.49 25.67 21.56
N ASP B 77 -24.50 26.73 22.36
CA ASP B 77 -23.27 27.37 22.80
C ASP B 77 -22.37 26.39 23.55
N ILE B 78 -21.08 26.49 23.30
CA ILE B 78 -20.08 25.77 24.08
C ILE B 78 -19.32 26.79 24.90
N ALA B 79 -19.29 26.59 26.21
CA ALA B 79 -18.59 27.52 27.07
C ALA B 79 -17.11 27.15 27.14
N LEU B 80 -16.26 28.13 26.83
CA LEU B 80 -14.82 28.00 27.01
C LEU B 80 -14.38 28.75 28.26
N ARG B 81 -13.76 28.04 29.20
CA ARG B 81 -13.29 28.69 30.42
C ARG B 81 -11.86 29.17 30.26
N ILE B 82 -11.65 30.46 30.50
CA ILE B 82 -10.37 31.09 30.27
C ILE B 82 -9.66 31.49 31.56
N ILE B 83 -8.41 31.05 31.73
CA ILE B 83 -7.52 31.66 32.71
C ILE B 83 -6.23 32.06 32.01
N ALA B 84 -6.02 33.37 31.90
CA ALA B 84 -4.94 33.92 31.08
C ALA B 84 -3.94 34.77 31.86
N PRO B 85 -2.65 34.66 31.49
CA PRO B 85 -1.64 35.61 31.95
C PRO B 85 -1.83 36.94 31.23
N GLU B 86 -1.10 37.98 31.62
CA GLU B 86 -1.30 39.29 30.98
C GLU B 86 -0.79 39.27 29.55
N THR B 87 0.32 38.57 29.32
CA THR B 87 0.84 38.38 27.98
C THR B 87 0.98 36.90 27.69
N PRO B 88 -0.05 36.30 27.07
CA PRO B 88 -0.06 34.87 26.74
C PRO B 88 1.10 34.47 25.83
N LYS B 89 1.75 33.36 26.14
CA LYS B 89 2.84 32.83 25.32
C LYS B 89 2.34 31.66 24.46
N GLY B 90 1.05 31.40 24.54
CA GLY B 90 0.44 30.29 23.80
C GLY B 90 -0.83 29.85 24.50
N VAL B 91 -1.45 28.80 23.98
CA VAL B 91 -2.71 28.30 24.52
C VAL B 91 -2.57 26.84 24.96
N TYR B 92 -3.15 26.52 26.11
CA TYR B 92 -3.32 25.14 26.54
C TYR B 92 -4.79 24.78 26.46
N LEU B 93 -5.16 24.05 25.40
CA LEU B 93 -6.54 23.58 25.24
C LEU B 93 -6.77 22.35 26.12
N HIS B 94 -7.63 22.48 27.13
CA HIS B 94 -7.78 21.46 28.16
C HIS B 94 -9.17 20.82 28.19
N PHE B 95 -9.20 19.51 28.42
CA PHE B 95 -10.44 18.78 28.57
C PHE B 95 -10.46 18.02 29.90
N HIS B 96 -11.47 18.27 30.71
CA HIS B 96 -11.61 17.61 32.00
C HIS B 96 -11.98 16.14 31.83
N GLY B 97 -11.70 15.36 32.86
CA GLY B 97 -12.08 13.96 32.90
C GLY B 97 -13.39 13.74 33.62
N GLY B 98 -13.71 12.48 33.91
CA GLY B 98 -14.99 12.16 34.50
C GLY B 98 -15.80 11.21 33.64
N GLY B 99 -15.10 10.42 32.83
CA GLY B 99 -15.72 9.35 32.05
C GLY B 99 -16.79 9.77 31.06
N TRP B 100 -16.63 10.97 30.50
CA TRP B 100 -17.57 11.53 29.52
C TRP B 100 -18.94 11.80 30.15
N VAL B 101 -19.02 11.63 31.47
CA VAL B 101 -20.28 11.74 32.20
C VAL B 101 -20.24 12.83 33.28
N PHE B 102 -19.13 12.91 34.00
CA PHE B 102 -19.01 13.80 35.15
C PHE B 102 -17.99 14.89 34.89
N GLY B 103 -17.82 15.79 35.85
CA GLY B 103 -16.82 16.84 35.73
C GLY B 103 -17.35 18.04 34.97
N SER B 104 -16.50 19.06 34.81
CA SER B 104 -16.89 20.32 34.19
C SER B 104 -15.68 21.18 33.90
N ALA B 105 -15.86 22.17 33.01
CA ALA B 105 -14.77 23.06 32.64
C ALA B 105 -14.26 23.86 33.84
N ASP B 106 -15.12 24.05 34.85
CA ASP B 106 -14.76 24.86 36.02
C ASP B 106 -14.42 24.02 37.24
N GLY B 107 -14.11 22.76 37.02
CA GLY B 107 -13.84 21.84 38.11
C GLY B 107 -12.39 21.73 38.54
N GLN B 108 -11.50 22.50 37.91
CA GLN B 108 -10.07 22.38 38.21
C GLN B 108 -9.30 23.70 38.05
N ASP B 109 -9.88 24.80 38.53
CA ASP B 109 -9.23 26.11 38.42
C ASP B 109 -7.83 26.22 39.06
N PRO B 110 -7.64 25.64 40.28
CA PRO B 110 -6.29 25.73 40.85
C PRO B 110 -5.22 25.12 39.95
N MET B 111 -5.52 23.97 39.34
CA MET B 111 -4.58 23.32 38.44
C MET B 111 -4.32 24.17 37.21
N LEU B 112 -5.40 24.69 36.63
CA LEU B 112 -5.29 25.53 35.43
C LEU B 112 -4.49 26.80 35.72
N GLU B 113 -4.72 27.39 36.89
CA GLU B 113 -4.00 28.61 37.23
C GLU B 113 -2.52 28.31 37.43
N ARG B 114 -2.25 27.18 38.07
CA ARG B 114 -0.88 26.72 38.26
C ARG B 114 -0.18 26.55 36.92
N ILE B 115 -0.86 25.90 35.97
CA ILE B 115 -0.30 25.70 34.64
C ILE B 115 -0.05 27.04 33.95
N SER B 116 -1.04 27.92 34.01
CA SER B 116 -0.93 29.22 33.35
C SER B 116 0.22 30.07 33.92
N ASP B 117 0.31 30.12 35.24
CA ASP B 117 1.36 30.91 35.89
C ASP B 117 2.76 30.38 35.61
N THR B 118 2.91 29.06 35.55
CA THR B 118 4.23 28.46 35.35
C THR B 118 4.68 28.53 33.89
N THR B 119 3.77 28.19 32.98
CA THR B 119 4.10 28.05 31.56
C THR B 119 3.95 29.35 30.76
N GLY B 120 3.06 30.23 31.20
CA GLY B 120 2.77 31.45 30.46
C GLY B 120 1.70 31.23 29.41
N LEU B 121 1.08 30.05 29.47
CA LEU B 121 0.01 29.70 28.54
C LEU B 121 -1.35 30.19 29.05
N VAL B 122 -2.23 30.61 28.15
CA VAL B 122 -3.62 30.79 28.54
C VAL B 122 -4.31 29.43 28.49
N CYS B 123 -4.88 29.02 29.62
CA CYS B 123 -5.60 27.77 29.70
C CYS B 123 -7.03 27.96 29.23
N VAL B 124 -7.44 27.11 28.29
CA VAL B 124 -8.80 27.13 27.77
C VAL B 124 -9.43 25.76 28.00
N SER B 125 -10.30 25.66 28.99
CA SER B 125 -10.91 24.37 29.33
C SER B 125 -12.34 24.35 28.81
N VAL B 126 -12.69 23.25 28.14
CA VAL B 126 -13.93 23.18 27.38
C VAL B 126 -15.06 22.49 28.11
N GLU B 127 -16.20 23.16 28.19
CA GLU B 127 -17.42 22.55 28.69
C GLU B 127 -18.07 21.78 27.55
N TYR B 128 -17.62 20.56 27.32
CA TYR B 128 -18.19 19.72 26.27
C TYR B 128 -19.43 19.01 26.81
N ARG B 129 -20.36 18.71 25.93
CA ARG B 129 -21.60 18.05 26.35
C ARG B 129 -21.32 16.67 26.95
N LEU B 130 -22.14 16.31 27.93
CA LEU B 130 -21.90 15.10 28.72
C LEU B 130 -22.92 13.99 28.46
N ALA B 131 -22.46 12.76 28.60
CA ALA B 131 -23.30 11.57 28.58
C ALA B 131 -23.88 11.34 29.97
N PRO B 132 -24.97 10.56 30.08
CA PRO B 132 -25.73 9.86 29.04
C PRO B 132 -26.68 10.78 28.29
N GLU B 133 -26.87 12.00 28.78
CA GLU B 133 -27.75 12.98 28.15
C GLU B 133 -27.36 13.20 26.69
N HIS B 134 -26.06 13.37 26.46
CA HIS B 134 -25.55 13.61 25.12
C HIS B 134 -24.40 12.65 24.82
N PRO B 135 -24.74 11.45 24.34
CA PRO B 135 -23.74 10.39 24.12
C PRO B 135 -22.83 10.72 22.94
N TYR B 136 -21.79 9.91 22.72
CA TYR B 136 -20.96 10.01 21.53
C TYR B 136 -21.85 10.18 20.30
N PRO B 137 -21.47 11.09 19.37
CA PRO B 137 -20.26 11.91 19.29
C PRO B 137 -20.36 13.33 19.86
N ALA B 138 -21.40 13.62 20.65
CA ALA B 138 -21.61 14.98 21.13
C ALA B 138 -20.38 15.59 21.81
N GLY B 139 -19.81 14.85 22.78
CA GLY B 139 -18.62 15.32 23.48
C GLY B 139 -17.45 15.63 22.55
N PRO B 140 -17.01 14.62 21.78
CA PRO B 140 -15.96 14.81 20.78
C PRO B 140 -16.27 15.95 19.81
N ASP B 141 -17.53 16.09 19.40
CA ASP B 141 -17.93 17.17 18.49
C ASP B 141 -17.62 18.55 19.07
N ASP B 142 -17.91 18.75 20.34
CA ASP B 142 -17.69 20.05 20.99
C ASP B 142 -16.20 20.32 21.19
N CYS B 143 -15.42 19.28 21.48
CA CYS B 143 -13.98 19.43 21.59
C CYS B 143 -13.39 19.81 20.23
N GLU B 144 -13.89 19.19 19.16
CA GLU B 144 -13.51 19.57 17.81
C GLU B 144 -13.89 21.02 17.52
N SER B 145 -15.10 21.40 17.91
CA SER B 145 -15.56 22.78 17.73
C SER B 145 -14.62 23.77 18.42
N ALA B 146 -14.20 23.45 19.64
CA ALA B 146 -13.29 24.32 20.39
C ALA B 146 -11.94 24.46 19.68
N ALA B 147 -11.36 23.34 19.27
CA ALA B 147 -10.07 23.35 18.58
C ALA B 147 -10.13 24.18 17.30
N LEU B 148 -11.17 23.98 16.49
CA LEU B 148 -11.36 24.79 15.27
C LEU B 148 -11.40 26.28 15.59
N TRP B 149 -12.17 26.63 16.61
CA TRP B 149 -12.33 28.01 17.02
C TRP B 149 -11.00 28.63 17.44
N LEU B 150 -10.21 27.89 18.20
CA LEU B 150 -8.90 28.37 18.64
C LEU B 150 -7.94 28.58 17.49
N VAL B 151 -7.87 27.61 16.57
CA VAL B 151 -7.01 27.75 15.40
C VAL B 151 -7.36 29.03 14.65
N GLU B 152 -8.65 29.31 14.55
CA GLU B 152 -9.12 30.48 13.81
C GLU B 152 -8.91 31.78 14.58
N ASN B 153 -9.13 31.75 15.89
CA ASN B 153 -9.26 32.97 16.66
C ASN B 153 -8.22 33.23 17.76
N ALA B 154 -7.26 32.33 17.94
CA ALA B 154 -6.29 32.47 19.02
C ALA B 154 -5.46 33.74 18.88
N LYS B 155 -5.09 34.07 17.65
CA LYS B 155 -4.30 35.26 17.38
C LYS B 155 -5.05 36.53 17.84
N ARG B 156 -6.28 36.67 17.37
CA ARG B 156 -7.13 37.80 17.74
C ARG B 156 -7.31 37.88 19.26
N GLU B 157 -7.71 36.76 19.85
CA GLU B 157 -8.08 36.72 21.26
C GLU B 157 -6.89 36.83 22.21
N PHE B 158 -5.82 36.10 21.91
CA PHE B 158 -4.74 35.95 22.88
C PHE B 158 -3.37 36.41 22.36
N GLY B 159 -3.33 36.87 21.12
CA GLY B 159 -2.08 37.34 20.54
C GLY B 159 -1.04 36.25 20.34
N THR B 160 -1.49 35.04 20.07
CA THR B 160 -0.58 33.91 19.90
C THR B 160 -1.20 32.84 18.99
N ASP B 161 -0.33 32.09 18.31
CA ASP B 161 -0.78 30.95 17.50
C ASP B 161 -0.23 29.64 18.03
N LEU B 162 0.51 29.72 19.13
CA LEU B 162 1.09 28.54 19.78
C LEU B 162 0.00 27.77 20.52
N LEU B 163 -0.29 26.55 20.06
CA LEU B 163 -1.35 25.75 20.67
C LEU B 163 -0.84 24.44 21.24
N THR B 164 -1.20 24.17 22.49
CA THR B 164 -0.96 22.87 23.09
C THR B 164 -2.31 22.28 23.49
N ILE B 165 -2.32 21.00 23.79
CA ILE B 165 -3.57 20.31 24.10
C ILE B 165 -3.33 19.30 25.22
N GLY B 166 -4.36 19.03 26.02
CA GLY B 166 -4.21 18.11 27.13
C GLY B 166 -5.50 17.80 27.85
N GLY B 167 -5.44 16.80 28.72
CA GLY B 167 -6.61 16.37 29.48
C GLY B 167 -6.35 15.14 30.33
N GLU B 168 -7.18 14.95 31.34
CA GLU B 168 -7.07 13.83 32.26
C GLU B 168 -8.13 12.77 31.99
N ALA B 170 -10.77 10.70 30.66
CA ALA B 170 -11.60 10.94 29.48
C ALA B 170 -11.17 12.20 28.74
N GLY B 171 -10.63 13.16 29.49
CA GLY B 171 -10.06 14.36 28.89
C GLY B 171 -8.85 14.07 28.02
N GLY B 172 -8.09 13.04 28.36
CA GLY B 172 -6.95 12.64 27.55
C GLY B 172 -7.42 11.92 26.31
N HIS B 173 -8.46 11.11 26.48
CA HIS B 173 -9.15 10.48 25.34
C HIS B 173 -9.57 11.54 24.35
N LEU B 174 -10.27 12.55 24.84
CA LEU B 174 -10.80 13.60 23.99
C LEU B 174 -9.69 14.40 23.32
N ALA B 175 -8.61 14.64 24.05
CA ALA B 175 -7.49 15.40 23.49
C ALA B 175 -6.89 14.67 22.28
N ALA B 176 -6.77 13.35 22.39
CA ALA B 176 -6.21 12.55 21.30
C ALA B 176 -7.19 12.48 20.12
N VAL B 177 -8.45 12.21 20.40
CA VAL B 177 -9.50 12.18 19.39
C VAL B 177 -9.55 13.51 18.64
N THR B 178 -9.37 14.60 19.37
CA THR B 178 -9.43 15.94 18.79
C THR B 178 -8.24 16.21 17.87
N LEU B 179 -7.04 15.81 18.29
CA LEU B 179 -5.87 15.95 17.43
C LEU B 179 -6.08 15.19 16.12
N LEU B 180 -6.60 13.98 16.24
CA LEU B 180 -6.83 13.11 15.09
C LEU B 180 -7.93 13.66 14.18
N ARG B 181 -8.94 14.27 14.78
CA ARG B 181 -9.98 14.94 13.98
C ARG B 181 -9.43 16.15 13.25
N MET B 182 -8.60 16.94 13.95
CA MET B 182 -8.05 18.15 13.34
C MET B 182 -7.19 17.80 12.14
N ARG B 183 -6.41 16.71 12.25
CA ARG B 183 -5.61 16.25 11.11
C ARG B 183 -6.49 15.69 10.01
N ASP B 184 -7.33 14.72 10.36
CA ASP B 184 -8.10 13.97 9.37
C ASP B 184 -9.14 14.84 8.65
N ARG B 185 -9.96 15.54 9.42
CA ARG B 185 -11.08 16.27 8.86
C ARG B 185 -10.67 17.65 8.34
N HIS B 186 -9.59 18.21 8.86
CA HIS B 186 -9.29 19.61 8.58
C HIS B 186 -7.86 19.86 8.11
N GLY B 187 -7.07 18.80 8.00
CA GLY B 187 -5.70 18.91 7.51
C GLY B 187 -4.78 19.70 8.42
N PHE B 188 -5.12 19.81 9.70
CA PHE B 188 -4.36 20.61 10.64
C PHE B 188 -3.46 19.76 11.55
N THR B 189 -2.16 20.01 11.49
CA THR B 189 -1.22 19.34 12.40
C THR B 189 -0.37 20.36 13.17
N GLY B 190 -0.98 21.46 13.57
CA GLY B 190 -0.23 22.57 14.14
C GLY B 190 -0.12 22.67 15.66
N PHE B 191 -0.58 21.66 16.38
CA PHE B 191 -0.43 21.65 17.83
C PHE B 191 1.02 21.37 18.19
N ALA B 192 1.53 22.02 19.24
CA ALA B 192 2.95 21.94 19.56
C ALA B 192 3.26 20.78 20.49
N GLY B 193 2.27 20.38 21.29
CA GLY B 193 2.50 19.31 22.25
C GLY B 193 1.22 18.83 22.88
N ALA B 194 1.24 17.58 23.35
CA ALA B 194 0.07 16.97 23.96
C ALA B 194 0.39 16.44 25.35
N ASN B 195 -0.35 16.93 26.34
CA ASN B 195 -0.21 16.51 27.72
C ASN B 195 -1.30 15.51 28.05
N LEU B 196 -0.96 14.22 27.96
CA LEU B 196 -1.97 13.17 28.05
C LEU B 196 -1.84 12.44 29.38
N VAL B 197 -2.76 12.76 30.27
CA VAL B 197 -2.68 12.35 31.67
C VAL B 197 -3.62 11.19 31.98
N PHE B 198 -3.04 10.04 32.33
CA PHE B 198 -3.73 8.74 32.45
C PHE B 198 -5.01 8.66 31.61
N GLY B 199 -4.85 8.78 30.30
CA GLY B 199 -5.99 8.78 29.41
C GLY B 199 -6.57 7.40 29.12
N ALA B 200 -7.80 7.40 28.61
CA ALA B 200 -8.41 6.21 28.03
C ALA B 200 -8.23 6.25 26.52
N PHE B 201 -7.63 5.21 25.95
CA PHE B 201 -7.40 5.23 24.51
C PHE B 201 -7.96 3.99 23.80
N ASP B 202 -8.29 2.95 24.57
CA ASP B 202 -8.90 1.76 23.97
C ASP B 202 -10.21 1.45 24.69
N LEU B 203 -11.32 1.84 24.09
CA LEU B 203 -12.61 1.76 24.77
C LEU B 203 -13.22 0.35 24.67
N ARG B 204 -12.47 -0.59 24.10
CA ARG B 204 -12.78 -2.01 24.28
C ARG B 204 -12.31 -2.42 25.67
N TRP B 205 -11.47 -1.56 26.26
CA TRP B 205 -10.79 -1.75 27.54
C TRP B 205 -9.60 -2.70 27.41
N THR B 206 -8.43 -2.14 27.71
CA THR B 206 -7.17 -2.86 27.74
C THR B 206 -7.22 -3.93 28.82
N PRO B 207 -6.28 -4.88 28.79
CA PRO B 207 -6.29 -5.91 29.83
C PRO B 207 -6.28 -5.34 31.25
N SER B 208 -5.46 -4.33 31.52
CA SER B 208 -5.37 -3.78 32.86
C SER B 208 -6.70 -3.15 33.29
N ALA B 209 -7.43 -2.63 32.32
CA ALA B 209 -8.73 -2.01 32.59
C ALA B 209 -9.78 -3.07 32.88
N ARG B 210 -9.66 -4.23 32.24
CA ARG B 210 -10.60 -5.31 32.46
C ARG B 210 -10.35 -6.04 33.78
N SER B 211 -9.09 -6.12 34.19
CA SER B 211 -8.72 -6.94 35.35
C SER B 211 -8.46 -6.16 36.63
N TYR B 212 -8.66 -4.85 36.60
CA TYR B 212 -8.43 -4.05 37.81
C TYR B 212 -9.45 -4.42 38.88
N GLY B 213 -10.69 -4.58 38.45
CA GLY B 213 -11.73 -5.05 39.33
C GLY B 213 -12.32 -3.97 40.20
N ASN B 214 -13.02 -4.39 41.24
CA ASN B 214 -13.83 -3.47 42.04
C ASN B 214 -13.54 -3.60 43.53
N ASP B 215 -12.61 -4.47 43.90
CA ASP B 215 -12.33 -4.76 45.30
C ASP B 215 -11.65 -3.60 46.01
N ARG B 216 -10.91 -2.80 45.26
CA ARG B 216 -10.32 -1.58 45.78
C ARG B 216 -10.90 -0.37 45.03
N TYR B 217 -11.75 0.39 45.71
CA TYR B 217 -12.31 1.59 45.09
C TYR B 217 -11.31 2.73 45.17
N LEU B 218 -10.19 2.57 44.46
CA LEU B 218 -9.17 3.61 44.39
C LEU B 218 -9.46 4.51 43.19
N ILE B 219 -10.41 5.44 43.38
CA ILE B 219 -10.83 6.40 42.35
C ILE B 219 -11.58 5.79 41.18
N LEU B 220 -11.01 4.76 40.56
CA LEU B 220 -11.60 4.18 39.35
C LEU B 220 -11.61 2.66 39.38
N ARG B 221 -12.82 2.10 39.35
CA ARG B 221 -13.01 0.65 39.30
C ARG B 221 -13.31 0.19 37.87
N THR B 222 -13.17 -1.10 37.60
CA THR B 222 -13.60 -1.65 36.31
C THR B 222 -15.09 -1.36 36.11
N LEU B 223 -15.85 -1.48 37.21
CA LEU B 223 -17.26 -1.16 37.24
C LEU B 223 -17.56 0.21 36.65
N ASP B 224 -16.75 1.20 37.02
CA ASP B 224 -16.96 2.57 36.57
C ASP B 224 -16.75 2.66 35.06
N LEU B 225 -15.71 1.99 34.57
CA LEU B 225 -15.45 2.02 33.12
C LEU B 225 -16.62 1.43 32.35
N GLU B 226 -17.19 0.35 32.88
CA GLU B 226 -18.34 -0.30 32.25
C GLU B 226 -19.58 0.61 32.27
N LYS B 227 -19.76 1.36 33.34
CA LYS B 227 -20.87 2.30 33.43
C LYS B 227 -20.67 3.48 32.47
N PHE B 228 -19.44 3.97 32.41
CA PHE B 228 -19.09 5.06 31.49
C PHE B 228 -19.35 4.66 30.05
N ASP B 229 -18.96 3.44 29.70
CA ASP B 229 -19.20 2.93 28.35
C ASP B 229 -20.68 2.91 28.00
N ALA B 230 -21.50 2.44 28.95
CA ALA B 230 -22.94 2.35 28.75
C ALA B 230 -23.55 3.72 28.51
N CYS B 231 -22.99 4.75 29.15
CA CYS B 231 -23.54 6.11 29.03
C CYS B 231 -23.05 6.79 27.75
N PHE B 232 -21.76 6.66 27.48
CA PHE B 232 -21.10 7.39 26.41
C PHE B 232 -21.37 6.81 25.03
N LEU B 233 -21.36 5.49 24.90
CA LEU B 233 -21.45 4.85 23.59
C LEU B 233 -22.80 4.22 23.34
N PRO B 234 -23.43 4.59 22.22
CA PRO B 234 -24.72 4.04 21.75
C PRO B 234 -24.64 2.55 21.39
N GLU B 235 -25.82 1.97 21.15
CA GLU B 235 -25.98 0.54 20.89
C GLU B 235 -25.05 -0.02 19.83
N ASN B 236 -25.08 0.61 18.65
CA ASN B 236 -24.49 0.03 17.47
C ASN B 236 -23.17 0.66 17.02
N VAL B 237 -22.37 1.09 17.98
CA VAL B 237 -21.06 1.65 17.64
C VAL B 237 -20.01 0.54 17.60
N ASP B 238 -18.97 0.77 16.83
CA ASP B 238 -17.84 -0.15 16.77
C ASP B 238 -16.72 0.43 17.61
N ARG B 239 -16.44 -0.20 18.75
CA ARG B 239 -15.43 0.32 19.67
C ARG B 239 -14.01 0.28 19.08
N ALA B 240 -13.85 -0.42 17.97
CA ALA B 240 -12.55 -0.45 17.27
C ALA B 240 -12.38 0.75 16.34
N ASP B 241 -13.47 1.47 16.09
CA ASP B 241 -13.42 2.69 15.27
C ASP B 241 -12.38 3.64 15.88
N PRO B 242 -11.45 4.13 15.04
CA PRO B 242 -10.37 4.99 15.54
C PRO B 242 -10.86 6.31 16.13
N ASP B 243 -12.07 6.76 15.79
CA ASP B 243 -12.61 7.98 16.38
C ASP B 243 -13.17 7.72 17.79
N ILE B 244 -13.35 6.44 18.12
CA ILE B 244 -13.83 6.07 19.44
C ILE B 244 -12.66 5.59 20.29
N SER B 245 -11.85 4.71 19.71
CA SER B 245 -10.63 4.25 20.37
C SER B 245 -9.41 4.75 19.59
N PRO B 246 -8.83 5.89 20.03
CA PRO B 246 -7.70 6.49 19.33
C PRO B 246 -6.47 5.57 19.25
N LEU B 247 -6.39 4.57 20.12
CA LEU B 247 -5.32 3.60 20.04
C LEU B 247 -5.31 2.91 18.68
N MET B 248 -6.49 2.78 18.07
CA MET B 248 -6.63 2.09 16.79
C MET B 248 -6.25 2.96 15.58
N ALA B 249 -6.11 4.26 15.80
CA ALA B 249 -5.88 5.20 14.70
C ALA B 249 -4.45 5.19 14.17
N ASN B 250 -4.28 5.62 12.92
CA ASN B 250 -2.97 5.96 12.39
C ASN B 250 -2.49 7.21 13.09
N LEU B 251 -1.31 7.17 13.70
CA LEU B 251 -0.87 8.27 14.54
C LEU B 251 0.21 9.14 13.89
N HIS B 252 0.30 9.11 12.56
CA HIS B 252 1.34 9.85 11.87
C HIS B 252 1.19 11.37 12.08
N ASP B 253 2.32 12.05 12.22
CA ASP B 253 2.37 13.51 12.29
C ASP B 253 1.60 14.13 13.46
N MET B 254 1.63 13.47 14.60
CA MET B 254 1.02 13.94 15.85
C MET B 254 2.06 14.80 16.57
N PRO B 255 1.68 15.65 17.51
CA PRO B 255 2.64 16.48 18.22
C PRO B 255 3.40 15.68 19.28
N PRO B 256 4.54 16.22 19.76
CA PRO B 256 5.23 15.62 20.91
C PRO B 256 4.26 15.41 22.07
N ALA B 257 4.31 14.24 22.68
CA ALA B 257 3.37 13.91 23.73
C ALA B 257 4.05 13.39 24.99
N LEU B 258 3.49 13.76 26.14
CA LEU B 258 3.93 13.22 27.43
C LEU B 258 2.80 12.39 28.04
N PHE B 259 3.05 11.11 28.26
CA PHE B 259 2.08 10.24 28.88
C PHE B 259 2.40 10.09 30.35
N THR B 260 1.51 10.58 31.20
CA THR B 260 1.68 10.47 32.65
C THR B 260 0.69 9.46 33.22
N VAL B 261 1.19 8.45 33.94
CA VAL B 261 0.32 7.43 34.49
C VAL B 261 0.92 6.79 35.74
N GLY B 262 0.06 6.38 36.66
CA GLY B 262 0.49 5.66 37.85
C GLY B 262 0.33 4.16 37.65
N THR B 263 1.09 3.36 38.40
CA THR B 263 1.07 1.91 38.24
C THR B 263 -0.15 1.26 38.89
N ASP B 264 -0.84 1.99 39.75
CA ASP B 264 -2.01 1.46 40.44
C ASP B 264 -3.26 2.09 39.81
N ASP B 265 -3.33 1.98 38.49
CA ASP B 265 -4.38 2.60 37.69
C ASP B 265 -4.94 1.56 36.74
N ALA B 266 -6.27 1.45 36.70
CA ALA B 266 -6.93 0.55 35.76
C ALA B 266 -6.54 0.85 34.31
N LEU B 267 -6.25 2.11 34.01
CA LEU B 267 -5.95 2.50 32.64
C LEU B 267 -4.45 2.49 32.34
N LEU B 268 -3.67 1.79 33.16
CA LEU B 268 -2.23 1.72 32.96
C LEU B 268 -1.85 1.29 31.55
N ASP B 269 -2.44 0.20 31.08
CA ASP B 269 -2.11 -0.31 29.75
C ASP B 269 -2.45 0.69 28.65
N ASP B 270 -3.47 1.52 28.86
CA ASP B 270 -3.82 2.53 27.87
C ASP B 270 -2.66 3.49 27.62
N SER B 271 -2.00 3.94 28.69
CA SER B 271 -0.87 4.84 28.53
C SER B 271 0.34 4.11 27.98
N LEU B 272 0.61 2.90 28.45
CA LEU B 272 1.73 2.11 27.95
C LEU B 272 1.58 1.83 26.45
N PHE B 273 0.37 1.43 26.04
CA PHE B 273 0.11 1.06 24.65
C PHE B 273 0.11 2.31 23.76
N MET B 274 -0.55 3.37 24.20
CA MET B 274 -0.65 4.58 23.39
C MET B 274 0.73 5.20 23.22
N HIS B 275 1.54 5.21 24.28
CA HIS B 275 2.91 5.68 24.14
C HIS B 275 3.69 4.87 23.11
N ALA B 276 3.54 3.55 23.14
CA ALA B 276 4.26 2.67 22.23
C ALA B 276 3.92 2.99 20.78
N ARG B 277 2.63 3.15 20.50
CA ARG B 277 2.17 3.46 19.14
C ARG B 277 2.53 4.88 18.73
N TRP B 278 2.47 5.81 19.69
CA TRP B 278 2.83 7.20 19.42
C TRP B 278 4.27 7.26 18.93
N ALA B 279 5.15 6.60 19.67
CA ALA B 279 6.56 6.53 19.31
C ALA B 279 6.76 5.80 17.99
N ALA B 280 6.03 4.70 17.81
CA ALA B 280 6.19 3.84 16.64
C ALA B 280 5.81 4.55 15.34
N ALA B 281 4.92 5.53 15.45
CA ALA B 281 4.46 6.29 14.30
C ALA B 281 5.44 7.41 13.93
N GLY B 282 6.55 7.50 14.67
CA GLY B 282 7.58 8.48 14.38
C GLY B 282 7.41 9.82 15.08
N ASN B 283 6.58 9.87 16.10
CA ASN B 283 6.39 11.10 16.87
C ASN B 283 7.28 11.13 18.12
N GLU B 284 7.58 12.33 18.61
CA GLU B 284 8.21 12.45 19.92
C GLU B 284 7.24 11.94 20.99
N ALA B 285 7.74 11.05 21.84
CA ALA B 285 6.89 10.50 22.90
C ALA B 285 7.68 10.26 24.16
N GLU B 286 7.14 10.73 25.28
CA GLU B 286 7.73 10.47 26.59
C GLU B 286 6.71 9.74 27.44
N LEU B 287 7.19 8.71 28.15
CA LEU B 287 6.35 7.96 29.07
C LEU B 287 6.85 8.14 30.51
N ALA B 288 6.02 8.73 31.35
CA ALA B 288 6.37 8.97 32.74
C ALA B 288 5.49 8.12 33.65
N VAL B 289 6.09 7.13 34.29
CA VAL B 289 5.36 6.20 35.12
C VAL B 289 5.71 6.38 36.60
N TYR B 290 4.67 6.50 37.44
CA TYR B 290 4.86 6.85 38.83
C TYR B 290 4.43 5.70 39.74
N PRO B 291 5.40 5.10 40.44
CA PRO B 291 5.13 3.87 41.19
C PRO B 291 4.08 4.07 42.29
N GLY B 292 3.02 3.27 42.24
CA GLY B 292 1.99 3.30 43.25
C GLY B 292 0.91 4.31 42.95
N GLY B 293 1.08 5.06 41.86
CA GLY B 293 0.16 6.12 41.54
C GLY B 293 -1.26 5.62 41.27
N ALA B 294 -2.23 6.22 41.95
CA ALA B 294 -3.63 5.93 41.69
C ALA B 294 -4.06 6.55 40.37
N HIS B 295 -5.17 6.08 39.81
CA HIS B 295 -5.84 6.86 38.78
C HIS B 295 -6.20 8.21 39.39
N GLY B 296 -5.85 9.29 38.72
CA GLY B 296 -6.13 10.63 39.24
C GLY B 296 -5.12 11.14 40.24
N PHE B 297 -3.97 10.49 40.34
CA PHE B 297 -3.06 10.74 41.46
C PHE B 297 -2.46 12.14 41.49
N VAL B 298 -2.41 12.81 40.34
CA VAL B 298 -1.73 14.10 40.24
C VAL B 298 -2.45 15.20 41.00
N ALA B 299 -3.68 14.96 41.43
CA ALA B 299 -4.46 15.96 42.13
C ALA B 299 -4.23 15.93 43.64
N PHE B 300 -3.73 14.79 44.12
CA PHE B 300 -3.62 14.52 45.54
C PHE B 300 -2.36 15.15 46.14
N PRO B 301 -2.32 15.31 47.49
CA PRO B 301 -1.08 15.80 48.10
C PRO B 301 0.03 14.76 48.05
N GLY B 302 1.26 15.15 48.38
CA GLY B 302 2.34 14.18 48.45
C GLY B 302 3.40 14.33 47.37
N ALA B 303 4.52 13.65 47.58
CA ALA B 303 5.69 13.78 46.74
C ALA B 303 5.50 13.20 45.34
N LEU B 304 4.67 12.18 45.23
CA LEU B 304 4.49 11.51 43.93
C LEU B 304 3.72 12.42 42.97
N ALA B 305 2.63 13.00 43.44
CA ALA B 305 1.86 13.95 42.63
C ALA B 305 2.71 15.17 42.27
N ALA B 306 3.44 15.68 43.25
CA ALA B 306 4.28 16.85 43.04
C ALA B 306 5.33 16.62 41.97
N SER B 307 5.91 15.41 41.93
CA SER B 307 6.91 15.09 40.92
CA SER B 307 6.91 15.10 40.92
C SER B 307 6.28 15.03 39.54
N ALA B 308 5.05 14.50 39.47
CA ALA B 308 4.35 14.39 38.20
C ALA B 308 3.95 15.77 37.69
N VAL B 309 3.48 16.61 38.60
CA VAL B 309 3.09 17.98 38.29
C VAL B 309 4.26 18.78 37.75
N GLN B 310 5.40 18.69 38.43
CA GLN B 310 6.61 19.36 38.00
C GLN B 310 6.97 18.98 36.56
N ARG B 311 6.86 17.69 36.25
CA ARG B 311 7.26 17.21 34.93
C ARG B 311 6.28 17.67 33.84
N MET B 312 4.98 17.60 34.14
CA MET B 312 3.96 18.02 33.17
C MET B 312 4.06 19.50 32.85
N ASP B 313 4.24 20.32 33.88
CA ASP B 313 4.35 21.76 33.70
C ASP B 313 5.62 22.13 32.95
N ALA B 314 6.71 21.42 33.24
CA ALA B 314 7.97 21.62 32.53
C ALA B 314 7.80 21.24 31.05
N PHE B 315 7.04 20.18 30.82
CA PHE B 315 6.74 19.73 29.47
C PHE B 315 6.03 20.81 28.66
N LEU B 316 4.96 21.36 29.23
CA LEU B 316 4.19 22.40 28.55
C LEU B 316 5.00 23.68 28.35
N LYS B 317 5.73 24.09 29.39
CA LYS B 317 6.53 25.30 29.34
C LYS B 317 7.58 25.23 28.24
N ARG B 318 8.02 24.03 27.94
CA ARG B 318 9.07 23.78 26.95
C ARG B 318 8.71 24.36 25.59
N PHE B 319 7.42 24.38 25.27
CA PHE B 319 6.95 24.83 23.97
C PHE B 319 6.76 26.34 23.88
N THR B 320 7.02 27.07 24.97
CA THR B 320 6.89 28.53 24.95
C THR B 320 8.25 29.23 24.86
N ASP B 321 9.33 28.45 24.89
CA ASP B 321 10.68 29.00 24.86
C ASP B 321 10.91 29.88 23.63
N PRO C 6 6.81 14.64 -21.80
CA PRO C 6 6.14 13.99 -20.68
C PRO C 6 6.68 12.59 -20.40
N PHE C 7 7.79 12.24 -21.05
CA PHE C 7 8.37 10.92 -20.86
C PHE C 7 9.79 10.99 -20.31
N ASP C 8 10.20 12.20 -19.90
CA ASP C 8 11.39 12.37 -19.08
C ASP C 8 11.18 11.59 -17.79
N PRO C 9 12.03 10.58 -17.54
CA PRO C 9 11.86 9.72 -16.36
C PRO C 9 11.97 10.50 -15.06
N GLU C 10 12.65 11.64 -15.10
CA GLU C 10 12.75 12.53 -13.95
C GLU C 10 11.36 13.01 -13.55
N LEU C 11 10.46 13.10 -14.53
CA LEU C 11 9.08 13.50 -14.28
C LEU C 11 8.33 12.45 -13.46
N TYR C 12 8.83 11.22 -13.47
CA TYR C 12 8.15 10.12 -12.79
C TYR C 12 8.83 9.72 -11.49
N LYS C 13 9.94 10.36 -11.16
CA LYS C 13 10.64 10.08 -9.91
C LYS C 13 10.10 10.95 -8.78
N ASP C 14 10.27 10.47 -7.54
CA ASP C 14 9.68 11.13 -6.38
C ASP C 14 10.19 12.56 -6.17
N ALA C 15 11.42 12.80 -6.57
CA ALA C 15 12.03 14.12 -6.40
C ALA C 15 11.27 15.21 -7.18
N ALA C 16 10.55 14.80 -8.23
CA ALA C 16 9.81 15.76 -9.06
C ALA C 16 8.53 16.22 -8.38
N VAL C 17 8.06 15.45 -7.40
CA VAL C 17 6.87 15.82 -6.64
C VAL C 17 7.20 16.97 -5.69
N SER C 18 6.37 18.01 -5.68
CA SER C 18 6.63 19.15 -4.81
C SER C 18 6.15 18.90 -3.39
N ALA C 19 6.69 19.67 -2.45
CA ALA C 19 6.28 19.58 -1.06
C ALA C 19 4.79 19.88 -0.92
N GLU C 20 4.31 20.88 -1.65
CA GLU C 20 2.90 21.23 -1.62
C GLU C 20 2.02 20.06 -2.05
N THR C 21 2.38 19.44 -3.18
CA THR C 21 1.61 18.34 -3.73
C THR C 21 1.58 17.17 -2.75
N ARG C 22 2.73 16.89 -2.15
CA ARG C 22 2.86 15.83 -1.18
C ARG C 22 1.93 16.10 0.03
N ALA C 23 1.89 17.34 0.47
CA ALA C 23 1.02 17.72 1.59
C ALA C 23 -0.46 17.61 1.22
N LEU C 24 -0.80 18.04 0.01
CA LEU C 24 -2.18 17.94 -0.49
C LEU C 24 -2.67 16.50 -0.49
N ASN C 25 -1.85 15.60 -1.00
CA ASN C 25 -2.20 14.19 -1.11
C ASN C 25 -2.38 13.53 0.25
N THR C 26 -1.44 13.78 1.15
CA THR C 26 -1.53 13.26 2.51
C THR C 26 -2.83 13.67 3.18
N ALA C 27 -3.21 14.93 3.02
CA ALA C 27 -4.45 15.44 3.60
C ALA C 27 -5.66 14.72 3.00
N LEU C 28 -5.64 14.55 1.68
CA LEU C 28 -6.71 13.84 0.99
C LEU C 28 -6.86 12.41 1.50
N ILE C 29 -5.74 11.72 1.70
CA ILE C 29 -5.78 10.35 2.17
C ILE C 29 -6.30 10.30 3.61
N ASP C 30 -5.79 11.18 4.48
CA ASP C 30 -6.30 11.28 5.85
C ASP C 30 -7.80 11.51 5.87
N LEU C 31 -8.26 12.44 5.03
CA LEU C 31 -9.67 12.78 4.95
C LEU C 31 -10.54 11.60 4.55
N LEU C 32 -10.16 10.93 3.47
CA LEU C 32 -10.95 9.83 2.93
C LEU C 32 -10.93 8.58 3.79
N GLU C 33 -9.83 8.34 4.50
CA GLU C 33 -9.70 7.11 5.25
C GLU C 33 -10.52 7.18 6.55
N THR C 34 -10.84 8.40 6.97
CA THR C 34 -11.63 8.62 8.18
CA THR C 34 -11.64 8.60 8.18
C THR C 34 -13.12 8.77 7.84
N SER C 35 -13.41 9.15 6.60
CA SER C 35 -14.78 9.36 6.16
C SER C 35 -15.47 8.05 5.82
N ASP C 36 -16.80 8.07 5.79
CA ASP C 36 -17.57 6.88 5.41
C ASP C 36 -17.39 6.60 3.91
N ASP C 37 -17.11 5.35 3.59
CA ASP C 37 -16.94 4.92 2.21
C ASP C 37 -18.27 5.01 1.47
N ASN C 38 -18.23 5.48 0.23
CA ASN C 38 -19.44 5.59 -0.58
C ASN C 38 -20.16 4.25 -0.72
N TRP C 39 -19.37 3.21 -0.92
CA TRP C 39 -19.91 1.87 -1.11
C TRP C 39 -20.51 1.33 0.17
N ASP C 40 -19.98 1.77 1.30
CA ASP C 40 -20.49 1.34 2.61
C ASP C 40 -21.87 1.92 2.87
N ILE C 41 -22.08 3.19 2.54
CA ILE C 41 -23.36 3.84 2.78
C ILE C 41 -24.33 3.65 1.61
N GLY C 42 -23.85 3.13 0.49
CA GLY C 42 -24.71 2.87 -0.65
C GLY C 42 -24.80 4.04 -1.62
N VAL C 43 -24.94 3.72 -2.90
CA VAL C 43 -24.94 4.71 -3.97
C VAL C 43 -25.94 5.86 -3.76
N GLU C 44 -27.20 5.54 -3.49
CA GLU C 44 -28.23 6.57 -3.43
C GLU C 44 -27.98 7.52 -2.26
N GLU C 45 -27.59 6.97 -1.11
CA GLU C 45 -27.28 7.79 0.03
C GLU C 45 -26.03 8.63 -0.23
N ALA C 46 -25.08 8.05 -0.96
CA ALA C 46 -23.84 8.74 -1.29
C ALA C 46 -24.10 9.94 -2.18
N ARG C 47 -24.98 9.78 -3.16
CA ARG C 47 -25.39 10.88 -4.01
C ARG C 47 -26.05 11.98 -3.18
N ALA C 48 -26.89 11.56 -2.24
CA ALA C 48 -27.65 12.47 -1.41
C ALA C 48 -26.74 13.32 -0.52
N ARG C 49 -25.80 12.68 0.16
CA ARG C 49 -24.84 13.38 1.01
C ARG C 49 -24.08 14.43 0.20
N ARG C 50 -23.73 14.08 -1.04
CA ARG C 50 -23.06 15.01 -1.94
C ARG C 50 -23.94 16.21 -2.26
N ASP C 51 -25.22 15.94 -2.50
CA ASP C 51 -26.17 16.98 -2.89
C ASP C 51 -26.48 17.93 -1.73
N ARG C 52 -26.22 17.50 -0.51
CA ARG C 52 -26.47 18.33 0.66
C ARG C 52 -25.26 19.18 1.05
N GLY C 53 -24.16 18.99 0.33
CA GLY C 53 -22.93 19.69 0.64
C GLY C 53 -22.10 18.92 1.65
N GLU C 54 -22.63 17.77 2.06
CA GLU C 54 -22.16 16.87 3.12
C GLU C 54 -21.18 15.67 2.96
N GLY C 55 -20.37 15.62 1.92
CA GLY C 55 -19.42 14.50 1.80
C GLY C 55 -18.05 14.92 2.28
N PRO C 56 -17.07 14.06 2.10
CA PRO C 56 -15.67 14.45 2.33
C PRO C 56 -15.30 15.83 1.81
N PHE C 57 -15.66 16.12 0.57
CA PHE C 57 -15.23 17.34 -0.09
C PHE C 57 -16.21 18.49 0.16
N PRO C 58 -15.72 19.74 0.09
CA PRO C 58 -16.61 20.87 0.35
C PRO C 58 -17.68 20.99 -0.74
N ALA C 59 -18.80 21.61 -0.39
CA ALA C 59 -19.86 21.85 -1.35
C ALA C 59 -19.33 22.69 -2.51
N VAL C 60 -19.88 22.46 -3.70
CA VAL C 60 -19.51 23.25 -4.86
C VAL C 60 -20.67 24.16 -5.23
N PRO C 61 -20.46 25.48 -5.11
CA PRO C 61 -21.52 26.48 -5.32
C PRO C 61 -22.06 26.46 -6.74
N LYS C 62 -23.37 26.62 -6.89
CA LYS C 62 -23.97 26.70 -8.21
C LYS C 62 -23.92 28.14 -8.73
N SER C 63 -23.77 28.30 -10.03
CA SER C 63 -23.73 29.64 -10.63
C SER C 63 -25.14 30.12 -10.99
N PRO C 64 -25.47 31.36 -10.60
CA PRO C 64 -26.73 31.96 -11.02
C PRO C 64 -26.82 32.17 -12.53
N ARG C 65 -25.69 32.06 -13.23
CA ARG C 65 -25.65 32.17 -14.68
C ARG C 65 -26.09 30.89 -15.36
N ALA C 66 -26.05 29.77 -14.63
CA ALA C 66 -26.37 28.48 -15.21
C ALA C 66 -27.86 28.37 -15.54
N ARG C 67 -28.16 27.91 -16.75
CA ARG C 67 -29.56 27.66 -17.13
C ARG C 67 -29.67 26.28 -17.77
N THR C 68 -30.90 25.77 -17.87
CA THR C 68 -31.10 24.41 -18.33
C THR C 68 -31.95 24.31 -19.60
N ILE C 69 -31.43 23.59 -20.58
CA ILE C 69 -32.18 23.24 -21.78
C ILE C 69 -32.51 21.75 -21.74
N GLN C 70 -33.78 21.40 -21.88
CA GLN C 70 -34.18 20.00 -21.90
C GLN C 70 -34.29 19.48 -23.33
N ILE C 71 -33.58 18.38 -23.62
CA ILE C 71 -33.62 17.78 -24.96
C ILE C 71 -34.09 16.33 -24.89
N PRO C 72 -34.77 15.86 -25.95
CA PRO C 72 -35.31 14.51 -25.98
C PRO C 72 -34.23 13.43 -26.09
N GLY C 73 -34.20 12.51 -25.12
CA GLY C 73 -33.29 11.38 -25.17
C GLY C 73 -34.05 10.06 -25.20
N LYS C 74 -33.32 8.95 -25.32
CA LYS C 74 -33.94 7.64 -25.42
C LYS C 74 -34.70 7.22 -24.16
N GLY C 75 -34.34 7.81 -23.03
CA GLY C 75 -34.96 7.46 -21.76
C GLY C 75 -35.77 8.58 -21.15
N GLY C 76 -36.03 9.62 -21.94
CA GLY C 76 -36.74 10.79 -21.46
C GLY C 76 -35.93 12.04 -21.72
N ASP C 77 -36.29 13.13 -21.04
CA ASP C 77 -35.58 14.40 -21.23
C ASP C 77 -34.15 14.34 -20.70
N ILE C 78 -33.23 14.92 -21.46
CA ILE C 78 -31.85 15.04 -21.03
C ILE C 78 -31.57 16.51 -20.71
N ALA C 79 -31.17 16.78 -19.48
CA ALA C 79 -30.89 18.15 -19.07
C ALA C 79 -29.51 18.61 -19.55
N LEU C 80 -29.48 19.71 -20.28
CA LEU C 80 -28.23 20.38 -20.63
C LEU C 80 -28.07 21.63 -19.77
N ARG C 81 -26.92 21.76 -19.13
CA ARG C 81 -26.68 22.91 -18.26
C ARG C 81 -25.75 23.89 -18.97
N ILE C 82 -26.23 25.13 -19.13
CA ILE C 82 -25.57 26.15 -19.94
C ILE C 82 -24.96 27.28 -19.12
N ILE C 83 -23.66 27.51 -19.29
CA ILE C 83 -23.05 28.72 -18.77
C ILE C 83 -22.39 29.45 -19.94
N ALA C 84 -22.93 30.61 -20.28
CA ALA C 84 -22.59 31.26 -21.55
C ALA C 84 -22.09 32.70 -21.39
N PRO C 85 -21.11 33.07 -22.23
CA PRO C 85 -20.73 34.48 -22.34
C PRO C 85 -21.80 35.25 -23.12
N GLU C 86 -21.72 36.58 -23.13
CA GLU C 86 -22.56 37.41 -23.99
C GLU C 86 -22.67 36.81 -25.38
N THR C 87 -21.50 36.67 -25.99
CA THR C 87 -21.36 36.25 -27.38
C THR C 87 -20.42 35.06 -27.43
N PRO C 88 -20.98 33.85 -27.50
CA PRO C 88 -20.18 32.62 -27.54
C PRO C 88 -19.22 32.59 -28.72
N LYS C 89 -17.98 32.21 -28.46
CA LYS C 89 -16.98 32.05 -29.50
C LYS C 89 -16.96 30.60 -29.95
N GLY C 90 -17.87 29.80 -29.38
CA GLY C 90 -17.94 28.38 -29.66
C GLY C 90 -18.58 27.65 -28.49
N VAL C 91 -18.50 26.33 -28.51
CA VAL C 91 -19.16 25.52 -27.48
C VAL C 91 -18.20 24.48 -26.89
N TYR C 92 -18.23 24.33 -25.57
CA TYR C 92 -17.51 23.24 -24.91
C TYR C 92 -18.54 22.26 -24.35
N LEU C 93 -18.67 21.11 -25.00
CA LEU C 93 -19.57 20.06 -24.54
C LEU C 93 -18.87 19.25 -23.47
N HIS C 94 -19.40 19.31 -22.24
CA HIS C 94 -18.72 18.73 -21.09
C HIS C 94 -19.47 17.56 -20.47
N PHE C 95 -18.71 16.53 -20.07
CA PHE C 95 -19.27 15.38 -19.36
C PHE C 95 -18.58 15.20 -18.01
N HIS C 96 -19.37 15.20 -16.94
CA HIS C 96 -18.81 15.09 -15.60
C HIS C 96 -18.29 13.67 -15.34
N GLY C 97 -17.40 13.54 -14.36
CA GLY C 97 -16.89 12.24 -13.98
C GLY C 97 -17.66 11.65 -12.82
N GLY C 98 -17.23 10.49 -12.35
CA GLY C 98 -17.86 9.84 -11.20
C GLY C 98 -18.13 8.37 -11.43
N GLY C 99 -17.32 7.73 -12.27
CA GLY C 99 -17.43 6.29 -12.48
C GLY C 99 -18.74 5.85 -13.09
N TRP C 100 -19.36 6.73 -13.88
CA TRP C 100 -20.64 6.48 -14.55
C TRP C 100 -21.78 6.29 -13.54
N VAL C 101 -21.49 6.54 -12.27
CA VAL C 101 -22.42 6.27 -11.19
C VAL C 101 -22.73 7.54 -10.40
N PHE C 102 -21.71 8.36 -10.18
CA PHE C 102 -21.83 9.55 -9.35
C PHE C 102 -21.67 10.82 -10.16
N GLY C 103 -21.93 11.96 -9.53
CA GLY C 103 -21.74 13.25 -10.17
C GLY C 103 -23.01 13.72 -10.85
N SER C 104 -22.94 14.91 -11.45
CA SER C 104 -24.09 15.56 -12.07
C SER C 104 -23.64 16.69 -12.98
N ALA C 105 -24.52 17.14 -13.86
CA ALA C 105 -24.19 18.25 -14.75
C ALA C 105 -24.01 19.55 -13.95
N ASP C 106 -24.69 19.67 -12.82
CA ASP C 106 -24.61 20.88 -12.01
C ASP C 106 -23.56 20.79 -10.91
N GLY C 107 -22.66 19.82 -11.01
CA GLY C 107 -21.71 19.58 -9.94
C GLY C 107 -20.36 20.28 -10.03
N GLN C 108 -20.18 21.12 -11.04
CA GLN C 108 -18.88 21.79 -11.23
C GLN C 108 -19.01 23.16 -11.88
N ASP C 109 -19.98 23.96 -11.43
CA ASP C 109 -20.21 25.30 -12.00
C ASP C 109 -18.99 26.24 -11.98
N PRO C 110 -18.22 26.28 -10.86
CA PRO C 110 -17.04 27.14 -10.88
C PRO C 110 -16.04 26.79 -11.98
N MET C 111 -15.80 25.50 -12.20
CA MET C 111 -14.91 25.09 -13.29
C MET C 111 -15.46 25.53 -14.63
N LEU C 112 -16.73 25.25 -14.87
CA LEU C 112 -17.33 25.54 -16.15
C LEU C 112 -17.39 27.04 -16.40
N GLU C 113 -17.56 27.81 -15.32
CA GLU C 113 -17.58 29.26 -15.48
C GLU C 113 -16.18 29.80 -15.76
N ARG C 114 -15.18 29.22 -15.12
CA ARG C 114 -13.79 29.60 -15.37
C ARG C 114 -13.44 29.37 -16.84
N ILE C 115 -13.80 28.20 -17.34
CA ILE C 115 -13.53 27.85 -18.73
C ILE C 115 -14.20 28.84 -19.69
N SER C 116 -15.46 29.16 -19.41
CA SER C 116 -16.22 30.09 -20.24
C SER C 116 -15.60 31.49 -20.27
N ASP C 117 -15.29 32.02 -19.10
CA ASP C 117 -14.73 33.36 -18.98
C ASP C 117 -13.39 33.48 -19.71
N THR C 118 -12.57 32.44 -19.62
CA THR C 118 -11.24 32.46 -20.23
C THR C 118 -11.29 32.27 -21.75
N THR C 119 -12.07 31.30 -22.20
CA THR C 119 -12.04 30.88 -23.59
C THR C 119 -13.06 31.60 -24.48
N GLY C 120 -14.14 32.08 -23.87
CA GLY C 120 -15.22 32.73 -24.61
C GLY C 120 -16.21 31.69 -25.14
N LEU C 121 -16.00 30.44 -24.73
CA LEU C 121 -16.88 29.35 -25.13
C LEU C 121 -18.12 29.30 -24.24
N VAL C 122 -19.23 28.85 -24.78
CA VAL C 122 -20.36 28.50 -23.93
C VAL C 122 -20.20 27.06 -23.47
N CYS C 123 -20.31 26.85 -22.16
CA CYS C 123 -20.18 25.51 -21.61
C CYS C 123 -21.54 24.83 -21.53
N VAL C 124 -21.58 23.59 -22.01
CA VAL C 124 -22.78 22.78 -21.99
C VAL C 124 -22.48 21.46 -21.28
N SER C 125 -22.98 21.28 -20.06
CA SER C 125 -22.72 20.04 -19.32
C SER C 125 -23.94 19.13 -19.35
N VAL C 126 -23.71 17.86 -19.69
CA VAL C 126 -24.78 16.90 -19.93
C VAL C 126 -25.14 16.06 -18.72
N GLU C 127 -26.42 16.08 -18.36
CA GLU C 127 -26.94 15.21 -17.30
C GLU C 127 -27.29 13.85 -17.90
N TYR C 128 -26.28 13.01 -18.13
CA TYR C 128 -26.51 11.69 -18.67
C TYR C 128 -27.00 10.75 -17.57
N ARG C 129 -27.81 9.76 -17.96
CA ARG C 129 -28.35 8.80 -17.01
C ARG C 129 -27.24 8.01 -16.35
N LEU C 130 -27.44 7.66 -15.09
CA LEU C 130 -26.39 7.05 -14.27
C LEU C 130 -26.64 5.59 -13.96
N ALA C 131 -25.54 4.85 -13.82
CA ALA C 131 -25.56 3.48 -13.32
C ALA C 131 -25.60 3.49 -11.80
N PRO C 132 -26.02 2.39 -11.17
CA PRO C 132 -26.44 1.10 -11.73
C PRO C 132 -27.91 1.07 -12.16
N GLU C 133 -28.63 2.16 -11.89
CA GLU C 133 -30.04 2.25 -12.28
C GLU C 133 -30.20 2.18 -13.79
N HIS C 134 -29.29 2.85 -14.49
CA HIS C 134 -29.27 2.86 -15.94
C HIS C 134 -27.90 2.48 -16.46
N PRO C 135 -27.63 1.16 -16.55
CA PRO C 135 -26.32 0.69 -17.02
C PRO C 135 -26.07 1.03 -18.49
N TYR C 136 -24.84 0.81 -18.94
CA TYR C 136 -24.50 0.89 -20.36
C TYR C 136 -25.59 0.19 -21.19
N PRO C 137 -25.97 0.77 -22.34
CA PRO C 137 -25.44 2.00 -22.95
C PRO C 137 -26.22 3.28 -22.65
N ALA C 138 -27.00 3.30 -21.57
CA ALA C 138 -27.85 4.47 -21.28
C ALA C 138 -27.04 5.77 -21.21
N GLY C 139 -25.93 5.74 -20.49
CA GLY C 139 -25.06 6.88 -20.37
C GLY C 139 -24.53 7.40 -21.70
N PRO C 140 -23.77 6.56 -22.43
CA PRO C 140 -23.28 6.95 -23.75
C PRO C 140 -24.39 7.37 -24.73
N ASP C 141 -25.55 6.71 -24.64
CA ASP C 141 -26.69 7.08 -25.48
C ASP C 141 -27.10 8.54 -25.27
N ASP C 142 -27.19 8.95 -24.01
CA ASP C 142 -27.57 10.33 -23.70
C ASP C 142 -26.50 11.31 -24.17
N CYS C 143 -25.23 10.93 -24.03
CA CYS C 143 -24.13 11.78 -24.49
C CYS C 143 -24.17 11.90 -26.00
N GLU C 144 -24.56 10.82 -26.67
CA GLU C 144 -24.74 10.81 -28.11
C GLU C 144 -25.89 11.73 -28.53
N SER C 145 -26.99 11.64 -27.80
CA SER C 145 -28.14 12.52 -28.04
C SER C 145 -27.74 13.98 -27.93
N ALA C 146 -26.94 14.29 -26.91
CA ALA C 146 -26.52 15.67 -26.67
C ALA C 146 -25.65 16.21 -27.80
N ALA C 147 -24.67 15.41 -28.23
CA ALA C 147 -23.78 15.82 -29.31
C ALA C 147 -24.55 16.02 -30.62
N LEU C 148 -25.48 15.11 -30.90
CA LEU C 148 -26.36 15.22 -32.06
C LEU C 148 -27.15 16.52 -32.02
N TRP C 149 -27.70 16.83 -30.85
CA TRP C 149 -28.47 18.05 -30.66
C TRP C 149 -27.60 19.27 -30.87
N LEU C 150 -26.37 19.21 -30.35
CA LEU C 150 -25.47 20.35 -30.46
C LEU C 150 -25.11 20.62 -31.91
N VAL C 151 -24.70 19.58 -32.63
CA VAL C 151 -24.38 19.73 -34.05
C VAL C 151 -25.54 20.37 -34.81
N GLU C 152 -26.76 19.94 -34.51
CA GLU C 152 -27.96 20.44 -35.19
C GLU C 152 -28.33 21.85 -34.74
N ASN C 153 -28.07 22.19 -33.48
CA ASN C 153 -28.64 23.39 -32.89
C ASN C 153 -27.67 24.51 -32.52
N ALA C 154 -26.37 24.22 -32.56
CA ALA C 154 -25.36 25.18 -32.11
C ALA C 154 -25.47 26.54 -32.80
N LYS C 155 -25.80 26.54 -34.09
CA LYS C 155 -25.87 27.78 -34.84
C LYS C 155 -27.02 28.66 -34.33
N ARG C 156 -28.19 28.07 -34.24
CA ARG C 156 -29.38 28.78 -33.82
C ARG C 156 -29.33 29.19 -32.34
N GLU C 157 -28.81 28.31 -31.50
CA GLU C 157 -28.75 28.58 -30.07
C GLU C 157 -27.60 29.51 -29.65
N PHE C 158 -26.42 29.29 -30.23
CA PHE C 158 -25.23 29.98 -29.75
C PHE C 158 -24.47 30.77 -30.83
N GLY C 159 -25.04 30.86 -32.03
CA GLY C 159 -24.42 31.62 -33.10
C GLY C 159 -23.04 31.14 -33.48
N THR C 160 -22.81 29.83 -33.42
CA THR C 160 -21.51 29.26 -33.72
C THR C 160 -21.61 27.81 -34.17
N ASP C 161 -20.58 27.34 -34.89
CA ASP C 161 -20.46 25.93 -35.23
C ASP C 161 -19.12 25.38 -34.76
N LEU C 162 -18.39 26.20 -34.00
CA LEU C 162 -17.14 25.77 -33.40
C LEU C 162 -17.45 24.95 -32.15
N LEU C 163 -17.15 23.66 -32.21
CA LEU C 163 -17.46 22.75 -31.10
C LEU C 163 -16.23 22.05 -30.56
N THR C 164 -16.10 22.03 -29.24
CA THR C 164 -15.07 21.26 -28.57
C THR C 164 -15.76 20.33 -27.59
N ILE C 165 -15.03 19.33 -27.10
CA ILE C 165 -15.64 18.34 -26.23
C ILE C 165 -14.64 17.93 -25.15
N GLY C 166 -15.13 17.51 -23.99
CA GLY C 166 -14.24 17.10 -22.92
C GLY C 166 -14.93 16.56 -21.70
N GLY C 167 -14.14 16.01 -20.79
CA GLY C 167 -14.67 15.46 -19.56
C GLY C 167 -13.56 14.92 -18.67
N GLU C 168 -13.90 14.73 -17.40
CA GLU C 168 -12.97 14.17 -16.41
C GLU C 168 -13.30 12.72 -16.12
N ALA C 170 -14.56 9.28 -15.95
CA ALA C 170 -15.63 8.66 -16.73
C ALA C 170 -16.18 9.62 -17.77
N GLY C 171 -16.17 10.92 -17.45
CA GLY C 171 -16.57 11.94 -18.40
C GLY C 171 -15.65 11.96 -19.61
N GLY C 172 -14.36 11.77 -19.37
CA GLY C 172 -13.38 11.69 -20.44
C GLY C 172 -13.62 10.46 -21.30
N HIS C 173 -13.93 9.34 -20.64
CA HIS C 173 -14.38 8.14 -21.33
C HIS C 173 -15.54 8.44 -22.26
N LEU C 174 -16.53 9.15 -21.73
CA LEU C 174 -17.74 9.45 -22.48
C LEU C 174 -17.45 10.37 -23.65
N ALA C 175 -16.57 11.34 -23.44
CA ALA C 175 -16.18 12.25 -24.51
C ALA C 175 -15.55 11.49 -25.70
N ALA C 176 -14.68 10.54 -25.40
CA ALA C 176 -14.06 9.75 -26.45
C ALA C 176 -15.08 8.88 -27.16
N VAL C 177 -15.91 8.19 -26.39
CA VAL C 177 -16.93 7.31 -26.96
C VAL C 177 -17.89 8.11 -27.84
N THR C 178 -18.23 9.32 -27.39
CA THR C 178 -19.15 10.20 -28.11
C THR C 178 -18.56 10.67 -29.44
N LEU C 179 -17.29 11.08 -29.43
CA LEU C 179 -16.61 11.44 -30.67
C LEU C 179 -16.65 10.30 -31.68
N LEU C 180 -16.45 9.08 -31.19
CA LEU C 180 -16.38 7.91 -32.05
C LEU C 180 -17.76 7.55 -32.59
N ARG C 181 -18.79 7.64 -31.76
CA ARG C 181 -20.14 7.39 -32.24
C ARG C 181 -20.56 8.43 -33.28
N MET C 182 -20.17 9.69 -33.06
CA MET C 182 -20.54 10.76 -33.98
C MET C 182 -19.91 10.52 -35.35
N ARG C 183 -18.68 10.00 -35.35
CA ARG C 183 -17.96 9.79 -36.60
C ARG C 183 -18.59 8.76 -37.51
N ASP C 184 -18.98 7.61 -36.98
CA ASP C 184 -19.41 6.54 -37.86
C ASP C 184 -20.86 6.09 -37.68
N ARG C 185 -21.56 6.68 -36.71
CA ARG C 185 -23.01 6.49 -36.66
C ARG C 185 -23.70 7.65 -37.37
N HIS C 186 -23.01 8.77 -37.49
CA HIS C 186 -23.64 9.98 -38.03
C HIS C 186 -22.75 10.74 -39.01
N GLY C 187 -21.55 10.22 -39.26
CA GLY C 187 -20.67 10.78 -40.27
C GLY C 187 -20.15 12.17 -39.94
N PHE C 188 -20.03 12.47 -38.64
CA PHE C 188 -19.62 13.80 -38.21
C PHE C 188 -18.23 13.77 -37.58
N THR C 189 -17.32 14.58 -38.10
CA THR C 189 -15.97 14.71 -37.56
C THR C 189 -15.58 16.18 -37.42
N GLY C 190 -16.55 17.00 -37.00
CA GLY C 190 -16.37 18.44 -36.99
C GLY C 190 -16.07 19.07 -35.64
N PHE C 191 -15.80 18.27 -34.61
CA PHE C 191 -15.33 18.83 -33.35
C PHE C 191 -13.92 19.37 -33.56
N ALA C 192 -13.62 20.52 -32.97
CA ALA C 192 -12.33 21.16 -33.17
C ALA C 192 -11.26 20.65 -32.19
N GLY C 193 -11.67 20.23 -31.01
CA GLY C 193 -10.70 19.81 -30.02
C GLY C 193 -11.30 18.97 -28.91
N ALA C 194 -10.48 18.12 -28.30
CA ALA C 194 -10.90 17.26 -27.21
C ALA C 194 -10.04 17.43 -25.97
N ASN C 195 -10.65 17.90 -24.89
CA ASN C 195 -9.99 18.04 -23.60
C ASN C 195 -10.27 16.81 -22.74
N LEU C 196 -9.35 15.86 -22.74
CA LEU C 196 -9.60 14.59 -22.10
C LEU C 196 -8.80 14.49 -20.79
N VAL C 197 -9.49 14.73 -19.68
CA VAL C 197 -8.85 14.87 -18.38
C VAL C 197 -8.88 13.59 -17.55
N PHE C 198 -7.68 13.05 -17.26
CA PHE C 198 -7.44 11.71 -16.70
C PHE C 198 -8.60 10.73 -16.94
N GLY C 199 -8.85 10.43 -18.21
CA GLY C 199 -9.98 9.60 -18.59
C GLY C 199 -9.70 8.12 -18.45
N ALA C 200 -10.78 7.33 -18.44
CA ALA C 200 -10.68 5.88 -18.49
C ALA C 200 -10.97 5.43 -19.92
N PHE C 201 -10.03 4.72 -20.54
CA PHE C 201 -10.18 4.37 -21.96
C PHE C 201 -10.13 2.87 -22.23
N ASP C 202 -9.73 2.09 -21.23
CA ASP C 202 -9.71 0.63 -21.32
C ASP C 202 -10.37 0.05 -20.08
N LEU C 203 -11.61 -0.40 -20.22
CA LEU C 203 -12.39 -0.81 -19.07
C LEU C 203 -12.10 -2.27 -18.70
N ARG C 204 -11.12 -2.88 -19.35
CA ARG C 204 -10.53 -4.12 -18.84
C ARG C 204 -9.60 -3.76 -17.68
N TRP C 205 -9.30 -2.46 -17.62
CA TRP C 205 -8.38 -1.82 -16.67
C TRP C 205 -6.92 -2.05 -17.04
N THR C 206 -6.25 -0.96 -17.35
CA THR C 206 -4.84 -0.94 -17.68
C THR C 206 -3.99 -1.44 -16.51
N PRO C 207 -2.72 -1.78 -16.76
CA PRO C 207 -1.85 -2.25 -15.66
C PRO C 207 -1.81 -1.30 -14.46
N SER C 208 -1.64 0.01 -14.69
CA SER C 208 -1.62 0.96 -13.57
C SER C 208 -2.93 0.93 -12.79
N ALA C 209 -4.05 0.74 -13.49
CA ALA C 209 -5.35 0.70 -12.83
C ALA C 209 -5.49 -0.56 -11.99
N ARG C 210 -4.95 -1.67 -12.49
CA ARG C 210 -5.03 -2.93 -11.75
C ARG C 210 -4.10 -2.94 -10.55
N SER C 211 -2.96 -2.26 -10.68
CA SER C 211 -1.92 -2.37 -9.67
C SER C 211 -1.89 -1.20 -8.67
N TYR C 212 -2.80 -0.24 -8.83
CA TYR C 212 -2.77 0.94 -7.98
C TYR C 212 -3.00 0.57 -6.51
N GLY C 213 -3.88 -0.40 -6.27
CA GLY C 213 -4.09 -0.92 -4.94
C GLY C 213 -5.20 -0.24 -4.17
N ASN C 214 -5.42 -0.67 -2.94
CA ASN C 214 -6.49 -0.14 -2.11
C ASN C 214 -6.02 0.44 -0.78
N ASP C 215 -4.76 0.19 -0.43
CA ASP C 215 -4.25 0.56 0.89
C ASP C 215 -4.01 2.06 1.01
N ARG C 216 -3.66 2.71 -0.09
CA ARG C 216 -3.49 4.15 -0.08
C ARG C 216 -4.69 4.81 -0.75
N TYR C 217 -5.65 5.27 0.06
CA TYR C 217 -6.91 5.78 -0.47
C TYR C 217 -6.75 7.22 -0.97
N LEU C 218 -6.04 7.38 -2.08
CA LEU C 218 -5.88 8.68 -2.69
C LEU C 218 -6.90 8.85 -3.80
N ILE C 219 -8.09 9.31 -3.43
CA ILE C 219 -9.22 9.57 -4.32
C ILE C 219 -9.80 8.31 -4.97
N LEU C 220 -8.97 7.55 -5.65
CA LEU C 220 -9.45 6.43 -6.46
C LEU C 220 -8.63 5.16 -6.24
N ARG C 221 -9.29 4.10 -5.76
CA ARG C 221 -8.64 2.81 -5.53
C ARG C 221 -8.97 1.81 -6.64
N THR C 222 -8.14 0.78 -6.78
CA THR C 222 -8.43 -0.31 -7.71
C THR C 222 -9.83 -0.87 -7.46
N LEU C 223 -10.17 -1.02 -6.17
CA LEU C 223 -11.48 -1.52 -5.77
C LEU C 223 -12.63 -0.64 -6.28
N ASP C 224 -12.42 0.66 -6.31
CA ASP C 224 -13.43 1.60 -6.80
C ASP C 224 -13.72 1.36 -8.28
N LEU C 225 -12.67 1.11 -9.05
CA LEU C 225 -12.81 0.84 -10.48
C LEU C 225 -13.63 -0.43 -10.70
N GLU C 226 -13.37 -1.46 -9.87
CA GLU C 226 -14.10 -2.71 -9.96
C GLU C 226 -15.58 -2.53 -9.60
N LYS C 227 -15.85 -1.69 -8.61
CA LYS C 227 -17.23 -1.39 -8.25
C LYS C 227 -17.94 -0.62 -9.37
N PHE C 228 -17.24 0.36 -9.95
CA PHE C 228 -17.78 1.12 -11.08
C PHE C 228 -18.14 0.20 -12.23
N ASP C 229 -17.22 -0.71 -12.56
CA ASP C 229 -17.43 -1.71 -13.60
C ASP C 229 -18.69 -2.52 -13.37
N ALA C 230 -18.87 -3.00 -12.13
CA ALA C 230 -20.03 -3.81 -11.77
C ALA C 230 -21.34 -3.03 -11.96
N CYS C 231 -21.29 -1.74 -11.66
CA CYS C 231 -22.48 -0.89 -11.77
C CYS C 231 -22.82 -0.56 -13.22
N PHE C 232 -21.78 -0.22 -13.99
CA PHE C 232 -21.94 0.35 -15.32
C PHE C 232 -22.14 -0.71 -16.40
N LEU C 233 -21.37 -1.79 -16.33
CA LEU C 233 -21.40 -2.78 -17.40
C LEU C 233 -22.15 -4.05 -17.02
N PRO C 234 -23.18 -4.39 -17.81
CA PRO C 234 -23.88 -5.68 -17.67
C PRO C 234 -22.92 -6.83 -17.90
N GLU C 235 -23.23 -8.01 -17.36
CA GLU C 235 -22.29 -9.13 -17.40
C GLU C 235 -22.22 -9.79 -18.77
N ASN C 236 -23.16 -9.44 -19.65
CA ASN C 236 -23.21 -10.05 -20.98
C ASN C 236 -22.41 -9.28 -22.03
N VAL C 237 -21.59 -8.34 -21.60
CA VAL C 237 -20.85 -7.50 -22.54
C VAL C 237 -19.37 -7.85 -22.60
N ASP C 238 -18.74 -7.47 -23.71
CA ASP C 238 -17.33 -7.71 -23.95
C ASP C 238 -16.57 -6.40 -23.74
N ARG C 239 -15.73 -6.36 -22.71
CA ARG C 239 -15.07 -5.12 -22.33
C ARG C 239 -13.98 -4.70 -23.31
N ALA C 240 -13.79 -5.48 -24.38
CA ALA C 240 -12.88 -5.10 -25.45
C ALA C 240 -13.64 -4.45 -26.61
N ASP C 241 -14.96 -4.34 -26.47
CA ASP C 241 -15.78 -3.65 -27.46
C ASP C 241 -15.32 -2.20 -27.54
N PRO C 242 -15.04 -1.73 -28.77
CA PRO C 242 -14.51 -0.36 -28.95
C PRO C 242 -15.47 0.73 -28.48
N ASP C 243 -16.76 0.41 -28.35
CA ASP C 243 -17.74 1.38 -27.84
C ASP C 243 -17.75 1.37 -26.31
N ILE C 244 -17.12 0.35 -25.73
CA ILE C 244 -16.99 0.25 -24.27
C ILE C 244 -15.59 0.68 -23.84
N SER C 245 -14.57 0.21 -24.56
CA SER C 245 -13.20 0.67 -24.36
C SER C 245 -12.69 1.36 -25.60
N PRO C 246 -12.82 2.69 -25.66
CA PRO C 246 -12.42 3.47 -26.84
C PRO C 246 -10.94 3.30 -27.20
N LEU C 247 -10.13 2.85 -26.26
CA LEU C 247 -8.71 2.58 -26.57
C LEU C 247 -8.59 1.55 -27.68
N MET C 248 -9.60 0.68 -27.78
CA MET C 248 -9.57 -0.42 -28.74
C MET C 248 -10.06 0.02 -30.12
N ALA C 249 -10.67 1.19 -30.19
CA ALA C 249 -11.26 1.68 -31.43
C ALA C 249 -10.22 2.16 -32.43
N ASN C 250 -10.56 2.10 -33.71
CA ASN C 250 -9.82 2.80 -34.74
C ASN C 250 -10.03 4.31 -34.52
N LEU C 251 -8.95 5.06 -34.35
CA LEU C 251 -9.07 6.47 -33.98
C LEU C 251 -8.85 7.44 -35.14
N HIS C 252 -9.06 6.97 -36.37
CA HIS C 252 -8.84 7.83 -37.53
C HIS C 252 -9.77 9.04 -37.51
N ASP C 253 -9.23 10.19 -37.94
CA ASP C 253 -9.99 11.41 -38.11
C ASP C 253 -10.64 11.88 -36.82
N MET C 254 -9.87 11.88 -35.74
CA MET C 254 -10.32 12.45 -34.48
C MET C 254 -9.76 13.87 -34.36
N PRO C 255 -10.38 14.72 -33.52
CA PRO C 255 -9.86 16.08 -33.34
C PRO C 255 -8.59 16.12 -32.49
N PRO C 256 -7.85 17.24 -32.55
CA PRO C 256 -6.69 17.44 -31.67
C PRO C 256 -7.09 17.23 -30.21
N ALA C 257 -6.29 16.50 -29.46
CA ALA C 257 -6.64 16.18 -28.10
C ALA C 257 -5.55 16.61 -27.13
N LEU C 258 -5.98 17.01 -25.94
CA LEU C 258 -5.06 17.22 -24.83
C LEU C 258 -5.35 16.19 -23.76
N PHE C 259 -4.33 15.43 -23.38
CA PHE C 259 -4.46 14.43 -22.33
C PHE C 259 -3.81 14.96 -21.05
N THR C 260 -4.62 15.17 -20.01
CA THR C 260 -4.14 15.70 -18.74
C THR C 260 -4.18 14.64 -17.66
N VAL C 261 -3.04 14.35 -17.03
CA VAL C 261 -2.99 13.28 -16.05
C VAL C 261 -1.85 13.47 -15.04
N GLY C 262 -2.11 13.06 -13.80
CA GLY C 262 -1.10 13.05 -12.76
C GLY C 262 -0.41 11.69 -12.66
N THR C 263 0.80 11.67 -12.12
CA THR C 263 1.56 10.43 -12.03
C THR C 263 1.08 9.51 -10.90
N ASP C 264 0.32 10.06 -9.95
CA ASP C 264 -0.16 9.27 -8.83
C ASP C 264 -1.65 8.97 -9.03
N ASP C 265 -1.96 8.43 -10.20
CA ASP C 265 -3.34 8.20 -10.63
C ASP C 265 -3.45 6.76 -11.11
N ALA C 266 -4.44 6.04 -10.60
CA ALA C 266 -4.69 4.67 -11.04
C ALA C 266 -4.84 4.59 -12.56
N LEU C 267 -5.38 5.66 -13.13
CA LEU C 267 -5.67 5.72 -14.56
C LEU C 267 -4.53 6.29 -15.40
N LEU C 268 -3.34 6.37 -14.83
CA LEU C 268 -2.20 6.95 -15.54
C LEU C 268 -1.97 6.30 -16.91
N ASP C 269 -1.98 4.98 -16.95
CA ASP C 269 -1.74 4.25 -18.20
C ASP C 269 -2.79 4.58 -19.26
N ASP C 270 -4.04 4.78 -18.83
CA ASP C 270 -5.12 5.07 -19.77
C ASP C 270 -4.81 6.28 -20.62
N SER C 271 -4.31 7.34 -19.99
CA SER C 271 -3.88 8.54 -20.70
C SER C 271 -2.64 8.28 -21.54
N LEU C 272 -1.67 7.57 -20.98
CA LEU C 272 -0.45 7.27 -21.72
C LEU C 272 -0.76 6.45 -22.97
N PHE C 273 -1.61 5.45 -22.83
CA PHE C 273 -1.93 4.55 -23.95
C PHE C 273 -2.79 5.28 -24.99
N MET C 274 -3.82 6.00 -24.52
CA MET C 274 -4.75 6.65 -25.45
C MET C 274 -4.06 7.75 -26.24
N HIS C 275 -3.18 8.49 -25.58
CA HIS C 275 -2.36 9.49 -26.25
C HIS C 275 -1.53 8.87 -27.37
N ALA C 276 -0.92 7.74 -27.06
CA ALA C 276 -0.08 7.03 -28.03
C ALA C 276 -0.88 6.64 -29.25
N ARG C 277 -2.05 6.05 -29.04
CA ARG C 277 -2.88 5.60 -30.16
C ARG C 277 -3.44 6.79 -30.92
N TRP C 278 -3.77 7.86 -30.20
CA TRP C 278 -4.32 9.07 -30.79
C TRP C 278 -3.33 9.64 -31.81
N ALA C 279 -2.07 9.72 -31.39
CA ALA C 279 -1.00 10.20 -32.25
C ALA C 279 -0.74 9.22 -33.40
N ALA C 280 -0.75 7.93 -33.07
CA ALA C 280 -0.45 6.90 -34.06
C ALA C 280 -1.49 6.84 -35.18
N ALA C 281 -2.70 7.33 -34.89
CA ALA C 281 -3.77 7.36 -35.89
C ALA C 281 -3.65 8.59 -36.80
N GLY C 282 -2.64 9.41 -36.57
CA GLY C 282 -2.40 10.59 -37.38
C GLY C 282 -3.15 11.81 -36.90
N ASN C 283 -3.59 11.79 -35.63
CA ASN C 283 -4.26 12.93 -35.01
C ASN C 283 -3.31 13.79 -34.20
N GLU C 284 -3.58 15.08 -34.10
CA GLU C 284 -2.84 15.93 -33.18
C GLU C 284 -3.11 15.48 -31.74
N ALA C 285 -2.04 15.27 -30.98
CA ALA C 285 -2.18 14.76 -29.62
C ALA C 285 -1.12 15.36 -28.72
N GLU C 286 -1.56 15.91 -27.60
CA GLU C 286 -0.65 16.41 -26.58
C GLU C 286 -0.88 15.66 -25.28
N LEU C 287 0.21 15.35 -24.59
CA LEU C 287 0.15 14.65 -23.32
C LEU C 287 0.80 15.52 -22.26
N ALA C 288 0.04 15.85 -21.23
CA ALA C 288 0.52 16.70 -20.15
C ALA C 288 0.50 15.91 -18.84
N VAL C 289 1.69 15.54 -18.37
CA VAL C 289 1.83 14.70 -17.20
C VAL C 289 2.30 15.54 -16.01
N TYR C 290 1.65 15.37 -14.86
CA TYR C 290 1.90 16.23 -13.70
C TYR C 290 2.37 15.41 -12.50
N PRO C 291 3.61 15.66 -12.05
CA PRO C 291 4.30 14.82 -11.05
C PRO C 291 3.59 14.83 -9.70
N GLY C 292 3.21 13.66 -9.21
CA GLY C 292 2.58 13.53 -7.91
C GLY C 292 1.10 13.81 -7.91
N GLY C 293 0.58 14.28 -9.03
CA GLY C 293 -0.83 14.58 -9.14
C GLY C 293 -1.69 13.36 -8.87
N ALA C 294 -2.67 13.52 -7.99
CA ALA C 294 -3.65 12.48 -7.70
C ALA C 294 -4.67 12.40 -8.82
N HIS C 295 -5.45 11.33 -8.84
CA HIS C 295 -6.66 11.32 -9.66
C HIS C 295 -7.55 12.46 -9.20
N GLY C 296 -8.06 13.25 -10.14
CA GLY C 296 -8.94 14.36 -9.81
C GLY C 296 -8.23 15.59 -9.27
N PHE C 297 -6.92 15.69 -9.50
CA PHE C 297 -6.10 16.71 -8.85
C PHE C 297 -6.40 18.13 -9.34
N VAL C 298 -6.88 18.26 -10.58
CA VAL C 298 -7.13 19.59 -11.14
C VAL C 298 -8.26 20.34 -10.43
N ALA C 299 -9.07 19.63 -9.65
CA ALA C 299 -10.23 20.24 -9.01
C ALA C 299 -9.89 20.87 -7.66
N PHE C 300 -8.74 20.51 -7.10
CA PHE C 300 -8.30 21.04 -5.81
C PHE C 300 -7.39 22.24 -6.03
N PRO C 301 -7.28 23.12 -5.02
CA PRO C 301 -6.34 24.24 -5.15
C PRO C 301 -4.89 23.79 -5.01
N GLY C 302 -3.97 24.52 -5.62
CA GLY C 302 -2.57 24.18 -5.60
C GLY C 302 -1.88 24.53 -6.90
N ALA C 303 -0.56 24.69 -6.84
CA ALA C 303 0.23 25.11 -8.00
C ALA C 303 0.27 24.06 -9.11
N LEU C 304 0.21 22.80 -8.73
CA LEU C 304 0.18 21.73 -9.72
C LEU C 304 -1.13 21.76 -10.50
N ALA C 305 -2.23 21.85 -9.77
CA ALA C 305 -3.55 21.98 -10.39
C ALA C 305 -3.62 23.24 -11.25
N ALA C 306 -3.09 24.33 -10.70
CA ALA C 306 -3.10 25.61 -11.40
C ALA C 306 -2.40 25.52 -12.75
N SER C 307 -1.27 24.83 -12.79
CA SER C 307 -0.53 24.64 -14.04
CA SER C 307 -0.53 24.64 -14.03
C SER C 307 -1.34 23.83 -15.03
N ALA C 308 -1.97 22.76 -14.55
CA ALA C 308 -2.80 21.93 -15.41
C ALA C 308 -3.99 22.73 -15.95
N VAL C 309 -4.60 23.53 -15.09
CA VAL C 309 -5.73 24.37 -15.47
C VAL C 309 -5.34 25.38 -16.55
N GLN C 310 -4.21 26.04 -16.36
CA GLN C 310 -3.72 27.01 -17.32
C GLN C 310 -3.51 26.38 -18.70
N ARG C 311 -3.02 25.14 -18.72
CA ARG C 311 -2.76 24.48 -20.00
C ARG C 311 -4.04 24.05 -20.68
N MET C 312 -4.95 23.43 -19.92
CA MET C 312 -6.24 23.00 -20.45
C MET C 312 -7.04 24.17 -21.01
N ASP C 313 -7.11 25.26 -20.26
CA ASP C 313 -7.87 26.42 -20.71
C ASP C 313 -7.27 27.06 -21.96
N ALA C 314 -5.94 27.10 -22.02
CA ALA C 314 -5.26 27.68 -23.18
C ALA C 314 -5.46 26.79 -24.40
N PHE C 315 -5.46 25.48 -24.18
CA PHE C 315 -5.75 24.52 -25.25
C PHE C 315 -7.12 24.77 -25.88
N LEU C 316 -8.14 24.91 -25.04
CA LEU C 316 -9.49 25.18 -25.51
C LEU C 316 -9.59 26.55 -26.17
N LYS C 317 -8.91 27.54 -25.60
CA LYS C 317 -8.96 28.90 -26.13
C LYS C 317 -8.40 29.02 -27.54
N ARG C 318 -7.40 28.19 -27.88
CA ARG C 318 -6.71 28.40 -29.15
C ARG C 318 -7.61 28.10 -30.35
N PHE C 319 -8.69 27.34 -30.13
CA PHE C 319 -9.60 27.00 -31.22
C PHE C 319 -10.59 28.12 -31.56
N THR C 320 -10.65 29.15 -30.72
CA THR C 320 -11.55 30.28 -30.96
C THR C 320 -10.84 31.41 -31.70
N ASN D 5 16.72 4.03 22.97
CA ASN D 5 16.14 2.77 22.54
C ASN D 5 15.27 2.16 23.64
N PRO D 6 14.30 1.31 23.25
CA PRO D 6 13.85 1.03 21.89
C PRO D 6 12.64 1.85 21.51
N PHE D 7 12.48 3.01 22.14
CA PHE D 7 11.33 3.87 21.87
C PHE D 7 11.78 5.22 21.34
N ASP D 8 13.06 5.32 21.00
CA ASP D 8 13.55 6.48 20.26
C ASP D 8 12.81 6.56 18.94
N PRO D 9 12.03 7.63 18.74
CA PRO D 9 11.22 7.78 17.52
C PRO D 9 12.05 7.69 16.24
N GLU D 10 13.35 8.01 16.34
CA GLU D 10 14.26 7.92 15.21
C GLU D 10 14.41 6.47 14.75
N LEU D 11 14.29 5.54 15.69
CA LEU D 11 14.37 4.11 15.41
C LEU D 11 13.28 3.67 14.43
N TYR D 12 12.20 4.45 14.38
CA TYR D 12 11.04 4.08 13.58
C TYR D 12 10.93 4.88 12.27
N LYS D 13 11.83 5.82 12.06
CA LYS D 13 11.78 6.64 10.85
C LYS D 13 12.62 6.02 9.75
N ASP D 14 12.31 6.39 8.51
CA ASP D 14 12.91 5.80 7.32
C ASP D 14 14.43 5.93 7.31
N ALA D 15 14.95 6.97 7.95
CA ALA D 15 16.38 7.26 7.93
C ALA D 15 17.18 6.22 8.70
N ALA D 16 16.53 5.50 9.59
CA ALA D 16 17.18 4.50 10.43
C ALA D 16 17.39 3.18 9.69
N VAL D 17 16.66 2.99 8.59
CA VAL D 17 16.77 1.77 7.82
C VAL D 17 18.02 1.77 6.95
N SER D 18 18.77 0.67 6.95
CA SER D 18 20.00 0.58 6.16
C SER D 18 19.67 0.32 4.70
N ALA D 19 20.59 0.69 3.82
CA ALA D 19 20.44 0.41 2.39
C ALA D 19 20.33 -1.09 2.14
N GLU D 20 21.14 -1.87 2.85
CA GLU D 20 21.08 -3.33 2.74
C GLU D 20 19.69 -3.87 3.08
N THR D 21 19.08 -3.33 4.14
CA THR D 21 17.76 -3.78 4.56
C THR D 21 16.69 -3.41 3.53
N ARG D 22 16.77 -2.20 2.98
CA ARG D 22 15.85 -1.81 1.92
C ARG D 22 15.93 -2.82 0.78
N ALA D 23 17.17 -3.16 0.40
CA ALA D 23 17.41 -4.08 -0.70
C ALA D 23 16.81 -5.45 -0.40
N LEU D 24 16.97 -5.92 0.83
CA LEU D 24 16.44 -7.23 1.21
C LEU D 24 14.93 -7.28 1.07
N ASN D 25 14.25 -6.27 1.60
CA ASN D 25 12.80 -6.24 1.58
C ASN D 25 12.26 -6.10 0.16
N THR D 26 12.87 -5.23 -0.64
CA THR D 26 12.50 -5.09 -2.04
C THR D 26 12.57 -6.44 -2.75
N ALA D 27 13.65 -7.17 -2.51
CA ALA D 27 13.85 -8.48 -3.11
C ALA D 27 12.76 -9.45 -2.67
N LEU D 28 12.44 -9.42 -1.38
CA LEU D 28 11.40 -10.29 -0.83
C LEU D 28 10.02 -10.00 -1.40
N ILE D 29 9.69 -8.72 -1.54
CA ILE D 29 8.40 -8.32 -2.08
C ILE D 29 8.29 -8.79 -3.53
N ASP D 30 9.31 -8.50 -4.32
CA ASP D 30 9.34 -8.94 -5.71
C ASP D 30 9.18 -10.45 -5.82
N LEU D 31 9.90 -11.17 -4.96
CA LEU D 31 9.86 -12.62 -4.94
C LEU D 31 8.45 -13.16 -4.65
N LEU D 32 7.81 -12.62 -3.61
CA LEU D 32 6.51 -13.12 -3.19
C LEU D 32 5.36 -12.68 -4.12
N GLU D 33 5.52 -11.53 -4.77
CA GLU D 33 4.49 -11.02 -5.66
C GLU D 33 4.26 -11.91 -6.87
N THR D 34 5.35 -12.48 -7.40
CA THR D 34 5.27 -13.31 -8.61
C THR D 34 5.14 -14.80 -8.32
N SER D 35 5.30 -15.17 -7.06
CA SER D 35 5.13 -16.56 -6.67
C SER D 35 3.65 -16.85 -6.47
N ASP D 36 3.28 -18.12 -6.54
CA ASP D 36 1.91 -18.50 -6.24
C ASP D 36 1.63 -18.31 -4.76
N ASP D 37 0.48 -17.72 -4.45
CA ASP D 37 0.05 -17.50 -3.07
C ASP D 37 -0.29 -18.83 -2.39
N ASN D 38 0.16 -18.98 -1.14
CA ASN D 38 -0.17 -20.15 -0.33
C ASN D 38 -1.65 -20.48 -0.37
N TRP D 39 -2.47 -19.44 -0.29
CA TRP D 39 -3.92 -19.61 -0.21
C TRP D 39 -4.49 -19.97 -1.57
N ASP D 40 -3.85 -19.45 -2.62
CA ASP D 40 -4.30 -19.75 -3.98
C ASP D 40 -4.12 -21.22 -4.33
N ILE D 41 -2.97 -21.79 -3.96
CA ILE D 41 -2.72 -23.19 -4.25
C ILE D 41 -3.29 -24.10 -3.17
N GLY D 42 -3.53 -23.55 -1.98
CA GLY D 42 -4.10 -24.33 -0.90
C GLY D 42 -3.10 -24.83 0.12
N VAL D 43 -3.58 -25.02 1.34
CA VAL D 43 -2.74 -25.39 2.47
C VAL D 43 -1.94 -26.68 2.24
N GLU D 44 -2.63 -27.74 1.82
CA GLU D 44 -1.98 -29.03 1.60
C GLU D 44 -0.89 -28.94 0.53
N GLU D 45 -1.22 -28.27 -0.57
CA GLU D 45 -0.25 -28.09 -1.65
C GLU D 45 0.90 -27.18 -1.21
N ALA D 46 0.58 -26.16 -0.41
CA ALA D 46 1.59 -25.22 0.06
C ALA D 46 2.63 -25.91 0.94
N ARG D 47 2.15 -26.81 1.81
CA ARG D 47 3.03 -27.55 2.69
C ARG D 47 3.93 -28.48 1.89
N ALA D 48 3.37 -29.13 0.88
CA ALA D 48 4.08 -30.08 0.05
C ALA D 48 5.19 -29.39 -0.75
N ARG D 49 4.89 -28.22 -1.31
CA ARG D 49 5.89 -27.46 -2.05
C ARG D 49 7.04 -27.08 -1.13
N ARG D 50 6.70 -26.70 0.09
CA ARG D 50 7.71 -26.35 1.08
C ARG D 50 8.59 -27.57 1.39
N ASP D 51 7.97 -28.72 1.59
CA ASP D 51 8.69 -29.94 1.88
C ASP D 51 9.57 -30.37 0.71
N ARG D 52 9.12 -30.11 -0.51
CA ARG D 52 9.91 -30.45 -1.70
C ARG D 52 11.03 -29.43 -1.95
N GLY D 53 11.03 -28.35 -1.18
CA GLY D 53 11.97 -27.28 -1.38
C GLY D 53 11.61 -26.42 -2.57
N GLU D 54 10.33 -26.45 -2.94
CA GLU D 54 9.85 -25.72 -4.11
C GLU D 54 9.03 -24.49 -3.75
N GLY D 55 9.13 -24.04 -2.51
CA GLY D 55 8.49 -22.80 -2.10
C GLY D 55 9.26 -21.63 -2.64
N PRO D 56 8.83 -20.39 -2.32
CA PRO D 56 9.55 -19.20 -2.77
C PRO D 56 10.93 -19.12 -2.14
N PHE D 57 11.05 -19.63 -0.92
CA PHE D 57 12.30 -19.53 -0.18
C PHE D 57 13.17 -20.75 -0.41
N PRO D 58 14.50 -20.57 -0.32
CA PRO D 58 15.43 -21.70 -0.52
C PRO D 58 15.19 -22.82 0.49
N ALA D 59 15.50 -24.04 0.08
CA ALA D 59 15.34 -25.19 0.95
C ALA D 59 16.17 -24.99 2.22
N VAL D 60 15.70 -25.54 3.33
CA VAL D 60 16.44 -25.48 4.56
C VAL D 60 16.95 -26.87 4.91
N PRO D 61 18.28 -27.05 4.90
CA PRO D 61 18.92 -28.37 5.11
C PRO D 61 18.58 -28.98 6.47
N LYS D 62 18.52 -30.30 6.51
CA LYS D 62 18.31 -31.00 7.78
C LYS D 62 19.66 -31.39 8.38
N SER D 63 19.78 -31.30 9.69
CA SER D 63 21.03 -31.66 10.34
C SER D 63 21.05 -33.15 10.67
N PRO D 64 22.15 -33.83 10.31
CA PRO D 64 22.30 -35.24 10.68
C PRO D 64 22.36 -35.44 12.20
N ARG D 65 22.58 -34.36 12.94
CA ARG D 65 22.62 -34.41 14.40
C ARG D 65 21.22 -34.53 15.01
N ALA D 66 20.20 -34.16 14.23
CA ALA D 66 18.83 -34.16 14.72
C ALA D 66 18.31 -35.58 14.95
N ARG D 67 17.64 -35.79 16.07
CA ARG D 67 16.99 -37.06 16.34
C ARG D 67 15.61 -36.81 16.93
N THR D 68 14.75 -37.83 16.90
CA THR D 68 13.37 -37.64 17.32
C THR D 68 13.00 -38.47 18.55
N ILE D 69 12.25 -37.86 19.45
CA ILE D 69 11.66 -38.53 20.61
C ILE D 69 10.15 -38.42 20.50
N GLN D 70 9.45 -39.54 20.60
CA GLN D 70 7.99 -39.51 20.58
C GLN D 70 7.42 -39.48 21.99
N ILE D 71 6.53 -38.54 22.25
CA ILE D 71 5.87 -38.46 23.54
C ILE D 71 4.36 -38.52 23.35
N PRO D 72 3.64 -39.10 24.34
CA PRO D 72 2.19 -39.21 24.22
C PRO D 72 1.48 -37.87 24.41
N GLY D 73 0.62 -37.51 23.47
CA GLY D 73 -0.18 -36.31 23.56
C GLY D 73 -1.66 -36.66 23.42
N LYS D 74 -2.52 -35.66 23.53
CA LYS D 74 -3.96 -35.89 23.48
C LYS D 74 -4.43 -36.52 22.17
N GLY D 75 -3.74 -36.23 21.06
CA GLY D 75 -4.20 -36.68 19.76
C GLY D 75 -3.38 -37.83 19.19
N GLY D 76 -2.41 -38.30 19.97
CA GLY D 76 -1.49 -39.33 19.53
C GLY D 76 -0.08 -38.93 19.89
N ASP D 77 0.91 -39.56 19.26
CA ASP D 77 2.29 -39.22 19.57
C ASP D 77 2.64 -37.82 19.10
N ILE D 78 3.43 -37.12 19.91
CA ILE D 78 4.01 -35.84 19.51
C ILE D 78 5.49 -36.01 19.30
N ALA D 79 5.98 -35.63 18.13
CA ALA D 79 7.40 -35.75 17.84
C ALA D 79 8.19 -34.56 18.37
N LEU D 80 9.24 -34.84 19.13
CA LEU D 80 10.15 -33.81 19.61
C LEU D 80 11.50 -33.96 18.92
N ARG D 81 11.88 -32.94 18.15
CA ARG D 81 13.13 -32.98 17.40
C ARG D 81 14.28 -32.43 18.25
N ILE D 82 15.33 -33.23 18.38
CA ILE D 82 16.42 -32.95 19.31
C ILE D 82 17.75 -32.65 18.61
N ILE D 83 18.34 -31.51 18.93
CA ILE D 83 19.71 -31.22 18.52
C ILE D 83 20.51 -30.83 19.77
N ALA D 84 21.48 -31.67 20.14
CA ALA D 84 22.12 -31.58 21.44
C ALA D 84 23.65 -31.53 21.40
N PRO D 85 24.25 -30.80 22.36
CA PRO D 85 25.70 -30.82 22.58
C PRO D 85 26.12 -32.15 23.22
N GLU D 86 27.42 -32.37 23.43
CA GLU D 86 27.88 -33.52 24.21
C GLU D 86 27.18 -33.57 25.55
N THR D 87 27.27 -32.43 26.21
CA THR D 87 26.85 -32.26 27.59
C THR D 87 25.99 -31.02 27.68
N PRO D 88 24.66 -31.19 27.60
CA PRO D 88 23.72 -30.06 27.62
C PRO D 88 23.91 -29.18 28.86
N LYS D 89 23.88 -27.87 28.66
CA LYS D 89 23.94 -26.91 29.76
C LYS D 89 22.53 -26.49 30.15
N GLY D 90 21.54 -27.11 29.51
CA GLY D 90 20.15 -26.74 29.70
C GLY D 90 19.36 -27.04 28.45
N VAL D 91 18.09 -26.66 28.44
CA VAL D 91 17.21 -26.96 27.30
C VAL D 91 16.58 -25.68 26.71
N TYR D 92 16.46 -25.64 25.39
CA TYR D 92 15.67 -24.62 24.70
C TYR D 92 14.46 -25.29 24.09
N LEU D 93 13.29 -25.07 24.69
CA LEU D 93 12.05 -25.62 24.15
C LEU D 93 11.51 -24.68 23.08
N HIS D 94 11.48 -25.14 21.83
CA HIS D 94 11.20 -24.26 20.70
C HIS D 94 9.91 -24.60 19.95
N PHE D 95 9.20 -23.57 19.51
CA PHE D 95 8.00 -23.73 18.69
C PHE D 95 8.12 -22.93 17.40
N HIS D 96 7.99 -23.61 16.25
CA HIS D 96 8.11 -22.96 14.95
C HIS D 96 6.91 -22.07 14.66
N GLY D 97 7.09 -21.13 13.73
CA GLY D 97 5.99 -20.28 13.30
C GLY D 97 5.29 -20.82 12.07
N GLY D 98 4.36 -20.03 11.54
CA GLY D 98 3.61 -20.44 10.35
C GLY D 98 2.10 -20.29 10.51
N GLY D 99 1.69 -19.42 11.43
CA GLY D 99 0.29 -19.07 11.60
C GLY D 99 -0.57 -20.23 12.07
N TRP D 100 0.04 -21.14 12.84
CA TRP D 100 -0.64 -22.29 13.42
C TRP D 100 -1.09 -23.27 12.33
N VAL D 101 -0.64 -23.01 11.10
CA VAL D 101 -1.08 -23.73 9.92
C VAL D 101 0.10 -24.37 9.16
N PHE D 102 1.16 -23.58 8.97
CA PHE D 102 2.32 -24.02 8.21
C PHE D 102 3.53 -24.27 9.11
N GLY D 103 4.61 -24.78 8.52
CA GLY D 103 5.86 -24.98 9.26
C GLY D 103 5.94 -26.35 9.87
N SER D 104 7.08 -26.63 10.50
CA SER D 104 7.32 -27.95 11.09
C SER D 104 8.48 -27.92 12.08
N ALA D 105 8.53 -28.91 12.95
CA ALA D 105 9.63 -29.04 13.90
C ALA D 105 10.96 -29.20 13.19
N ASP D 106 10.95 -29.78 11.99
CA ASP D 106 12.20 -30.04 11.28
C ASP D 106 12.53 -28.96 10.24
N GLY D 107 11.84 -27.84 10.32
CA GLY D 107 11.96 -26.81 9.30
C GLY D 107 13.01 -25.75 9.54
N GLN D 108 13.80 -25.89 10.61
CA GLN D 108 14.76 -24.85 10.95
C GLN D 108 15.98 -25.39 11.69
N ASP D 109 16.53 -26.51 11.20
CA ASP D 109 17.69 -27.14 11.82
C ASP D 109 18.93 -26.23 11.94
N PRO D 110 19.28 -25.47 10.87
CA PRO D 110 20.47 -24.61 11.00
C PRO D 110 20.37 -23.61 12.14
N MET D 111 19.22 -22.97 12.30
CA MET D 111 19.01 -22.04 13.40
C MET D 111 19.13 -22.75 14.74
N LEU D 112 18.45 -23.89 14.86
CA LEU D 112 18.49 -24.67 16.09
C LEU D 112 19.90 -25.15 16.41
N GLU D 113 20.65 -25.51 15.38
CA GLU D 113 22.02 -26.00 15.60
C GLU D 113 22.92 -24.84 16.02
N ARG D 114 22.70 -23.67 15.43
CA ARG D 114 23.43 -22.46 15.81
C ARG D 114 23.23 -22.14 17.29
N ILE D 115 21.97 -22.11 17.72
CA ILE D 115 21.64 -21.79 19.10
C ILE D 115 22.28 -22.80 20.07
N SER D 116 22.24 -24.07 19.70
CA SER D 116 22.80 -25.12 20.54
C SER D 116 24.31 -24.99 20.66
N ASP D 117 24.98 -24.72 19.53
CA ASP D 117 26.43 -24.59 19.51
C ASP D 117 26.91 -23.37 20.31
N THR D 118 26.15 -22.29 20.22
CA THR D 118 26.54 -21.04 20.86
C THR D 118 26.27 -21.03 22.35
N THR D 119 25.15 -21.61 22.74
CA THR D 119 24.69 -21.51 24.12
C THR D 119 25.00 -22.74 24.97
N GLY D 120 25.19 -23.88 24.33
CA GLY D 120 25.38 -25.13 25.06
C GLY D 120 24.06 -25.77 25.45
N LEU D 121 22.95 -25.16 25.04
CA LEU D 121 21.63 -25.73 25.29
C LEU D 121 21.29 -26.82 24.29
N VAL D 122 20.53 -27.83 24.72
CA VAL D 122 19.95 -28.76 23.76
C VAL D 122 18.63 -28.19 23.29
N CYS D 123 18.47 -28.07 21.97
CA CYS D 123 17.23 -27.56 21.40
C CYS D 123 16.22 -28.68 21.20
N VAL D 124 15.00 -28.41 21.62
CA VAL D 124 13.90 -29.36 21.52
C VAL D 124 12.73 -28.67 20.82
N SER D 125 12.58 -28.92 19.53
CA SER D 125 11.52 -28.29 18.75
C SER D 125 10.33 -29.22 18.61
N VAL D 126 9.13 -28.67 18.77
CA VAL D 126 7.93 -29.50 18.93
C VAL D 126 7.09 -29.55 17.66
N GLU D 127 6.75 -30.77 17.24
CA GLU D 127 5.81 -30.96 16.13
C GLU D 127 4.37 -30.92 16.63
N TYR D 128 3.84 -29.72 16.85
CA TYR D 128 2.47 -29.61 17.32
C TYR D 128 1.48 -29.75 16.16
N ARG D 129 0.27 -30.22 16.46
CA ARG D 129 -0.74 -30.41 15.43
C ARG D 129 -1.13 -29.09 14.79
N LEU D 130 -1.41 -29.13 13.49
CA LEU D 130 -1.64 -27.91 12.72
C LEU D 130 -3.09 -27.71 12.32
N ALA D 131 -3.49 -26.43 12.29
CA ALA D 131 -4.76 -26.03 11.70
C ALA D 131 -4.60 -26.03 10.18
N PRO D 132 -5.72 -26.07 9.43
CA PRO D 132 -7.11 -26.13 9.88
C PRO D 132 -7.56 -27.55 10.24
N GLU D 133 -6.75 -28.55 9.89
CA GLU D 133 -7.07 -29.95 10.20
C GLU D 133 -7.27 -30.14 11.70
N HIS D 134 -6.41 -29.49 12.48
CA HIS D 134 -6.50 -29.56 13.93
C HIS D 134 -6.52 -28.16 14.51
N PRO D 135 -7.71 -27.55 14.53
CA PRO D 135 -7.87 -26.19 15.03
C PRO D 135 -7.63 -26.12 16.54
N TYR D 136 -7.57 -24.91 17.09
CA TYR D 136 -7.45 -24.69 18.53
C TYR D 136 -8.47 -25.56 19.25
N PRO D 137 -8.10 -26.15 20.40
CA PRO D 137 -6.83 -26.00 21.13
C PRO D 137 -5.77 -27.07 20.83
N ALA D 138 -5.87 -27.76 19.69
CA ALA D 138 -4.97 -28.87 19.38
C ALA D 138 -3.51 -28.47 19.48
N GLY D 139 -3.15 -27.37 18.82
CA GLY D 139 -1.80 -26.84 18.87
C GLY D 139 -1.29 -26.57 20.28
N PRO D 140 -1.98 -25.68 21.02
CA PRO D 140 -1.60 -25.38 22.40
C PRO D 140 -1.55 -26.62 23.29
N ASP D 141 -2.48 -27.55 23.09
CA ASP D 141 -2.51 -28.81 23.85
C ASP D 141 -1.22 -29.59 23.67
N ASP D 142 -0.74 -29.65 22.43
CA ASP D 142 0.49 -30.38 22.12
C ASP D 142 1.71 -29.67 22.70
N CYS D 143 1.71 -28.35 22.66
CA CYS D 143 2.80 -27.57 23.22
C CYS D 143 2.83 -27.72 24.73
N GLU D 144 1.64 -27.78 25.33
CA GLU D 144 1.51 -28.01 26.77
C GLU D 144 2.06 -29.39 27.17
N SER D 145 1.73 -30.40 26.37
CA SER D 145 2.21 -31.75 26.61
C SER D 145 3.73 -31.79 26.59
N ALA D 146 4.34 -31.05 25.66
CA ALA D 146 5.78 -31.07 25.52
C ALA D 146 6.47 -30.39 26.69
N ALA D 147 5.93 -29.25 27.13
CA ALA D 147 6.46 -28.58 28.31
C ALA D 147 6.36 -29.48 29.54
N LEU D 148 5.18 -30.08 29.72
CA LEU D 148 4.95 -31.03 30.80
C LEU D 148 5.95 -32.19 30.78
N TRP D 149 6.16 -32.76 29.60
CA TRP D 149 7.07 -33.88 29.44
C TRP D 149 8.49 -33.46 29.77
N LEU D 150 8.86 -32.27 29.32
CA LEU D 150 10.20 -31.73 29.57
C LEU D 150 10.48 -31.53 31.06
N VAL D 151 9.54 -30.89 31.76
CA VAL D 151 9.70 -30.69 33.20
C VAL D 151 9.95 -32.01 33.92
N GLU D 152 9.25 -33.05 33.49
CA GLU D 152 9.37 -34.36 34.12
C GLU D 152 10.66 -35.09 33.75
N ASN D 153 11.12 -34.92 32.51
CA ASN D 153 12.18 -35.78 31.97
C ASN D 153 13.54 -35.13 31.66
N ALA D 154 13.63 -33.81 31.75
CA ALA D 154 14.86 -33.12 31.36
C ALA D 154 16.10 -33.61 32.13
N LYS D 155 15.95 -33.79 33.44
CA LYS D 155 17.07 -34.24 34.27
C LYS D 155 17.57 -35.62 33.79
N ARG D 156 16.63 -36.50 33.50
CA ARG D 156 16.93 -37.85 33.05
C ARG D 156 17.50 -37.86 31.63
N GLU D 157 16.88 -37.09 30.74
CA GLU D 157 17.28 -37.07 29.34
C GLU D 157 18.52 -36.23 29.09
N PHE D 158 18.65 -35.11 29.78
CA PHE D 158 19.65 -34.11 29.41
C PHE D 158 20.55 -33.64 30.54
N GLY D 159 20.41 -34.25 31.72
CA GLY D 159 21.26 -33.95 32.84
C GLY D 159 21.17 -32.50 33.27
N THR D 160 19.96 -31.95 33.19
CA THR D 160 19.74 -30.55 33.49
C THR D 160 18.28 -30.28 33.86
N ASP D 161 18.06 -29.28 34.71
CA ASP D 161 16.72 -28.76 34.95
C ASP D 161 16.64 -27.31 34.50
N LEU D 162 17.67 -26.86 33.80
CA LEU D 162 17.70 -25.50 33.27
C LEU D 162 16.88 -25.43 31.98
N LEU D 163 15.71 -24.82 32.07
CA LEU D 163 14.78 -24.79 30.94
C LEU D 163 14.53 -23.38 30.42
N THR D 164 14.56 -23.24 29.10
CA THR D 164 14.18 -22.00 28.44
C THR D 164 13.17 -22.33 27.37
N ILE D 165 12.49 -21.30 26.86
CA ILE D 165 11.43 -21.51 25.89
C ILE D 165 11.44 -20.37 24.88
N GLY D 166 10.89 -20.62 23.69
CA GLY D 166 10.87 -19.57 22.68
C GLY D 166 10.23 -20.00 21.38
N GLY D 167 10.06 -19.04 20.49
CA GLY D 167 9.50 -19.33 19.18
C GLY D 167 9.29 -18.07 18.37
N GLU D 168 9.02 -18.28 17.08
CA GLU D 168 8.83 -17.18 16.14
C GLU D 168 7.38 -17.08 15.72
N ALA D 170 3.72 -17.27 15.34
CA ALA D 170 2.78 -18.16 16.03
C ALA D 170 3.49 -19.03 17.07
N GLY D 171 4.78 -19.27 16.84
CA GLY D 171 5.59 -20.03 17.78
C GLY D 171 5.81 -19.25 19.06
N GLY D 172 5.98 -17.93 18.92
CA GLY D 172 6.10 -17.05 20.07
C GLY D 172 4.81 -17.03 20.85
N HIS D 173 3.70 -16.99 20.11
CA HIS D 173 2.37 -17.11 20.69
C HIS D 173 2.28 -18.37 21.54
N LEU D 174 2.62 -19.51 20.96
CA LEU D 174 2.50 -20.77 21.67
C LEU D 174 3.42 -20.83 22.88
N ALA D 175 4.60 -20.24 22.76
CA ALA D 175 5.53 -20.16 23.88
C ALA D 175 4.91 -19.41 25.06
N ALA D 176 4.22 -18.32 24.78
CA ALA D 176 3.57 -17.52 25.83
C ALA D 176 2.41 -18.29 26.45
N VAL D 177 1.55 -18.81 25.58
CA VAL D 177 0.41 -19.60 26.01
C VAL D 177 0.85 -20.77 26.90
N THR D 178 1.94 -21.43 26.50
CA THR D 178 2.46 -22.59 27.21
C THR D 178 2.99 -22.21 28.59
N LEU D 179 3.72 -21.10 28.66
CA LEU D 179 4.21 -20.60 29.95
C LEU D 179 3.07 -20.34 30.93
N LEU D 180 1.96 -19.80 30.40
CA LEU D 180 0.80 -19.48 31.22
C LEU D 180 0.08 -20.75 31.64
N ARG D 181 -0.05 -21.71 30.73
CA ARG D 181 -0.67 -22.98 31.05
C ARG D 181 0.13 -23.76 32.10
N MET D 182 1.45 -23.71 32.00
CA MET D 182 2.30 -24.40 32.97
C MET D 182 2.11 -23.80 34.36
N ARG D 183 2.01 -22.48 34.43
CA ARG D 183 1.77 -21.81 35.70
C ARG D 183 0.37 -22.12 36.23
N ASP D 184 -0.63 -21.84 35.40
CA ASP D 184 -2.03 -21.95 35.81
C ASP D 184 -2.47 -23.38 36.08
N ARG D 185 -2.15 -24.29 35.16
CA ARG D 185 -2.71 -25.64 35.20
C ARG D 185 -1.82 -26.64 35.92
N HIS D 186 -0.56 -26.28 36.13
CA HIS D 186 0.39 -27.23 36.71
C HIS D 186 1.28 -26.61 37.79
N GLY D 187 1.00 -25.36 38.15
CA GLY D 187 1.74 -24.69 39.20
C GLY D 187 3.25 -24.61 38.98
N PHE D 188 3.66 -24.56 37.71
CA PHE D 188 5.08 -24.53 37.37
C PHE D 188 5.50 -23.17 36.81
N THR D 189 6.49 -22.56 37.45
CA THR D 189 7.05 -21.30 36.99
C THR D 189 8.57 -21.37 36.95
N GLY D 190 9.08 -22.53 36.54
CA GLY D 190 10.51 -22.79 36.59
C GLY D 190 11.29 -22.59 35.31
N PHE D 191 10.67 -22.02 34.28
CA PHE D 191 11.42 -21.65 33.07
C PHE D 191 12.32 -20.46 33.37
N ALA D 192 13.55 -20.49 32.84
CA ALA D 192 14.54 -19.47 33.17
C ALA D 192 14.45 -18.25 32.26
N GLY D 193 13.95 -18.45 31.04
CA GLY D 193 13.85 -17.36 30.09
C GLY D 193 12.96 -17.70 28.92
N ALA D 194 12.38 -16.67 28.30
CA ALA D 194 11.56 -16.82 27.11
C ALA D 194 12.09 -15.95 25.98
N ASN D 195 12.37 -16.59 24.84
CA ASN D 195 12.84 -15.87 23.65
C ASN D 195 11.68 -15.72 22.67
N LEU D 196 10.99 -14.59 22.75
CA LEU D 196 9.77 -14.39 21.97
C LEU D 196 10.02 -13.52 20.75
N VAL D 197 10.14 -14.17 19.60
CA VAL D 197 10.57 -13.53 18.36
C VAL D 197 9.37 -13.17 17.49
N PHE D 198 9.21 -11.86 17.23
CA PHE D 198 8.02 -11.25 16.60
C PHE D 198 6.74 -12.09 16.73
N GLY D 199 6.29 -12.30 17.95
CA GLY D 199 5.14 -13.15 18.18
C GLY D 199 3.79 -12.49 17.98
N ALA D 200 2.75 -13.31 17.94
CA ALA D 200 1.37 -12.86 17.96
C ALA D 200 0.79 -13.04 19.36
N PHE D 201 0.27 -11.97 19.96
CA PHE D 201 -0.22 -12.09 21.34
C PHE D 201 -1.64 -11.58 21.52
N ASP D 202 -2.13 -10.82 20.55
CA ASP D 202 -3.52 -10.38 20.53
C ASP D 202 -4.15 -10.87 19.23
N LEU D 203 -4.94 -11.94 19.31
CA LEU D 203 -5.51 -12.54 18.11
C LEU D 203 -6.80 -11.85 17.65
N ARG D 204 -7.18 -10.76 18.33
CA ARG D 204 -8.18 -9.85 17.78
C ARG D 204 -7.50 -8.96 16.74
N TRP D 205 -6.17 -9.04 16.74
CA TRP D 205 -5.26 -8.24 15.89
C TRP D 205 -5.09 -6.80 16.39
N THR D 206 -3.85 -6.49 16.75
CA THR D 206 -3.44 -5.16 17.18
C THR D 206 -3.61 -4.15 16.03
N PRO D 207 -3.57 -2.84 16.35
CA PRO D 207 -3.69 -1.84 15.29
C PRO D 207 -2.68 -2.02 14.14
N SER D 208 -1.40 -2.25 14.44
CA SER D 208 -0.41 -2.44 13.38
C SER D 208 -0.79 -3.62 12.49
N ALA D 209 -1.33 -4.68 13.09
CA ALA D 209 -1.71 -5.87 12.34
C ALA D 209 -2.91 -5.59 11.44
N ARG D 210 -3.86 -4.81 11.93
CA ARG D 210 -5.05 -4.50 11.15
C ARG D 210 -4.74 -3.57 9.99
N SER D 211 -3.73 -2.73 10.14
CA SER D 211 -3.48 -1.67 9.17
C SER D 211 -2.24 -1.88 8.31
N TYR D 212 -1.56 -3.01 8.48
CA TYR D 212 -0.36 -3.27 7.69
C TYR D 212 -0.70 -3.32 6.20
N GLY D 213 -1.84 -3.92 5.88
CA GLY D 213 -2.33 -3.92 4.52
C GLY D 213 -1.89 -5.13 3.71
N ASN D 214 -2.19 -5.10 2.41
CA ASN D 214 -1.94 -6.25 1.54
C ASN D 214 -1.20 -5.87 0.25
N ASP D 215 -1.15 -4.59 -0.07
CA ASP D 215 -0.59 -4.18 -1.34
C ASP D 215 0.93 -4.33 -1.36
N ARG D 216 1.53 -4.34 -0.17
CA ARG D 216 2.97 -4.53 -0.06
C ARG D 216 3.24 -5.91 0.56
N TYR D 217 3.53 -6.90 -0.28
CA TYR D 217 3.64 -8.28 0.18
C TYR D 217 5.04 -8.55 0.74
N LEU D 218 5.30 -8.02 1.93
CA LEU D 218 6.56 -8.26 2.62
C LEU D 218 6.34 -9.32 3.70
N ILE D 219 6.46 -10.58 3.28
CA ILE D 219 6.35 -11.76 4.14
C ILE D 219 4.94 -12.01 4.72
N LEU D 220 4.37 -11.00 5.36
CA LEU D 220 3.10 -11.20 6.07
C LEU D 220 2.14 -10.04 5.86
N ARG D 221 0.98 -10.33 5.29
CA ARG D 221 -0.05 -9.31 5.01
C ARG D 221 -1.19 -9.40 6.03
N THR D 222 -1.99 -8.34 6.12
CA THR D 222 -3.17 -8.34 6.99
C THR D 222 -4.08 -9.51 6.62
N LEU D 223 -4.30 -9.65 5.31
CA LEU D 223 -5.04 -10.76 4.72
C LEU D 223 -4.58 -12.13 5.24
N ASP D 224 -3.27 -12.31 5.38
CA ASP D 224 -2.72 -13.58 5.88
C ASP D 224 -3.14 -13.85 7.31
N LEU D 225 -3.12 -12.82 8.14
CA LEU D 225 -3.51 -12.96 9.54
C LEU D 225 -4.98 -13.36 9.65
N GLU D 226 -5.80 -12.85 8.74
CA GLU D 226 -7.22 -13.19 8.74
C GLU D 226 -7.45 -14.64 8.34
N LYS D 227 -6.71 -15.13 7.35
CA LYS D 227 -6.82 -16.53 6.94
C LYS D 227 -6.37 -17.47 8.07
N PHE D 228 -5.23 -17.14 8.69
CA PHE D 228 -4.72 -17.90 9.83
C PHE D 228 -5.78 -18.02 10.93
N ASP D 229 -6.40 -16.89 11.24
CA ASP D 229 -7.49 -16.84 12.22
C ASP D 229 -8.60 -17.82 11.85
N ALA D 230 -8.99 -17.80 10.59
CA ALA D 230 -10.07 -18.65 10.11
C ALA D 230 -9.74 -20.13 10.21
N CYS D 231 -8.47 -20.48 10.03
CA CYS D 231 -8.03 -21.86 10.13
C CYS D 231 -7.91 -22.31 11.57
N PHE D 232 -7.26 -21.48 12.37
CA PHE D 232 -6.88 -21.80 13.74
C PHE D 232 -8.05 -21.75 14.71
N LEU D 233 -8.92 -20.76 14.56
CA LEU D 233 -9.94 -20.47 15.56
C LEU D 233 -11.35 -20.85 15.13
N PRO D 234 -11.99 -21.71 15.93
CA PRO D 234 -13.41 -22.04 15.74
C PRO D 234 -14.26 -20.77 15.84
N GLU D 235 -15.40 -20.75 15.16
CA GLU D 235 -16.22 -19.55 15.12
C GLU D 235 -16.86 -19.25 16.48
N ASN D 236 -16.91 -20.25 17.34
CA ASN D 236 -17.56 -20.10 18.64
C ASN D 236 -16.65 -19.63 19.77
N VAL D 237 -15.42 -19.23 19.45
CA VAL D 237 -14.48 -18.85 20.50
C VAL D 237 -14.36 -17.35 20.65
N ASP D 238 -14.06 -16.93 21.87
CA ASP D 238 -13.86 -15.52 22.21
C ASP D 238 -12.39 -15.18 22.06
N ARG D 239 -12.07 -14.32 21.10
CA ARG D 239 -10.66 -14.02 20.81
C ARG D 239 -9.98 -13.22 21.91
N ALA D 240 -10.76 -12.75 22.88
CA ALA D 240 -10.22 -12.02 24.01
C ALA D 240 -9.84 -12.97 25.16
N ASP D 241 -10.14 -14.25 24.98
CA ASP D 241 -9.78 -15.27 25.98
C ASP D 241 -8.27 -15.33 26.17
N PRO D 242 -7.80 -15.27 27.42
CA PRO D 242 -6.36 -15.22 27.68
C PRO D 242 -5.58 -16.47 27.22
N ASP D 243 -6.27 -17.59 26.95
CA ASP D 243 -5.58 -18.77 26.43
C ASP D 243 -5.45 -18.67 24.91
N ILE D 244 -6.21 -17.75 24.32
CA ILE D 244 -6.15 -17.53 22.88
C ILE D 244 -5.33 -16.27 22.58
N SER D 245 -5.55 -15.23 23.38
CA SER D 245 -4.75 -14.01 23.28
C SER D 245 -4.00 -13.78 24.59
N PRO D 246 -2.75 -14.27 24.69
CA PRO D 246 -2.03 -14.19 25.97
C PRO D 246 -1.76 -12.75 26.42
N LEU D 247 -1.94 -11.78 25.53
CA LEU D 247 -1.84 -10.37 25.90
C LEU D 247 -2.90 -10.03 26.96
N MET D 248 -4.00 -10.76 26.95
CA MET D 248 -5.10 -10.49 27.87
C MET D 248 -4.88 -11.17 29.22
N ALA D 249 -3.83 -11.97 29.33
CA ALA D 249 -3.63 -12.79 30.52
C ALA D 249 -2.97 -12.03 31.66
N ASN D 250 -3.16 -12.53 32.88
CA ASN D 250 -2.42 -12.03 34.02
C ASN D 250 -1.01 -12.62 33.90
N LEU D 251 0.00 -11.76 33.84
CA LEU D 251 1.35 -12.21 33.50
C LEU D 251 2.29 -12.30 34.71
N HIS D 252 1.75 -12.47 35.90
CA HIS D 252 2.61 -12.56 37.10
C HIS D 252 3.51 -13.79 37.08
N ASP D 253 4.70 -13.63 37.62
CA ASP D 253 5.66 -14.72 37.83
C ASP D 253 6.03 -15.44 36.53
N MET D 254 6.18 -14.64 35.48
CA MET D 254 6.65 -15.13 34.20
C MET D 254 8.18 -15.03 34.16
N PRO D 255 8.83 -15.83 33.30
CA PRO D 255 10.29 -15.75 33.24
C PRO D 255 10.78 -14.49 32.51
N PRO D 256 12.04 -14.09 32.73
CA PRO D 256 12.65 -13.00 31.96
C PRO D 256 12.46 -13.22 30.46
N ALA D 257 12.04 -12.18 29.75
CA ALA D 257 11.74 -12.32 28.33
C ALA D 257 12.52 -11.35 27.46
N LEU D 258 12.86 -11.82 26.26
CA LEU D 258 13.41 -10.96 25.23
C LEU D 258 12.43 -10.92 24.06
N PHE D 259 12.00 -9.71 23.70
CA PHE D 259 11.10 -9.51 22.57
C PHE D 259 11.89 -8.94 21.40
N THR D 260 11.95 -9.71 20.31
CA THR D 260 12.64 -9.28 19.10
C THR D 260 11.65 -9.01 17.98
N VAL D 261 11.74 -7.84 17.36
CA VAL D 261 10.78 -7.46 16.35
C VAL D 261 11.37 -6.39 15.42
N GLY D 262 10.94 -6.42 14.16
CA GLY D 262 11.31 -5.38 13.21
C GLY D 262 10.22 -4.33 13.10
N THR D 263 10.60 -3.13 12.68
CA THR D 263 9.64 -2.04 12.58
C THR D 263 8.72 -2.19 11.38
N ASP D 264 9.10 -3.04 10.43
CA ASP D 264 8.30 -3.21 9.23
C ASP D 264 7.55 -4.54 9.29
N ASP D 265 6.88 -4.75 10.41
CA ASP D 265 6.20 -6.02 10.72
C ASP D 265 4.78 -5.70 11.13
N ALA D 266 3.82 -6.37 10.51
CA ALA D 266 2.41 -6.22 10.89
C ALA D 266 2.22 -6.47 12.38
N LEU D 267 3.01 -7.38 12.93
CA LEU D 267 2.87 -7.75 14.33
C LEU D 267 3.71 -6.88 15.28
N LEU D 268 4.16 -5.72 14.82
CA LEU D 268 4.97 -4.83 15.65
C LEU D 268 4.32 -4.52 16.99
N ASP D 269 3.03 -4.16 16.96
CA ASP D 269 2.34 -3.77 18.19
C ASP D 269 2.22 -4.91 19.18
N ASP D 270 2.16 -6.14 18.68
CA ASP D 270 2.09 -7.29 19.56
C ASP D 270 3.31 -7.34 20.47
N SER D 271 4.50 -7.11 19.91
CA SER D 271 5.72 -7.10 20.71
C SER D 271 5.76 -5.89 21.63
N LEU D 272 5.44 -4.72 21.10
CA LEU D 272 5.39 -3.51 21.91
C LEU D 272 4.44 -3.66 23.10
N PHE D 273 3.24 -4.18 22.85
CA PHE D 273 2.23 -4.32 23.88
C PHE D 273 2.61 -5.42 24.88
N MET D 274 3.05 -6.58 24.37
CA MET D 274 3.36 -7.70 25.26
C MET D 274 4.54 -7.34 26.17
N HIS D 275 5.57 -6.74 25.59
CA HIS D 275 6.71 -6.27 26.38
C HIS D 275 6.26 -5.36 27.52
N ALA D 276 5.41 -4.39 27.19
CA ALA D 276 4.90 -3.45 28.19
C ALA D 276 4.17 -4.16 29.32
N ARG D 277 3.29 -5.11 28.98
CA ARG D 277 2.52 -5.83 29.99
C ARG D 277 3.42 -6.78 30.78
N TRP D 278 4.40 -7.36 30.11
CA TRP D 278 5.34 -8.27 30.74
C TRP D 278 6.08 -7.55 31.85
N ALA D 279 6.60 -6.37 31.53
CA ALA D 279 7.32 -5.55 32.49
C ALA D 279 6.39 -5.04 33.59
N ALA D 280 5.18 -4.62 33.19
CA ALA D 280 4.21 -4.09 34.14
C ALA D 280 3.78 -5.12 35.17
N ALA D 281 3.88 -6.40 34.82
CA ALA D 281 3.50 -7.47 35.75
C ALA D 281 4.64 -7.76 36.73
N GLY D 282 5.75 -7.05 36.56
CA GLY D 282 6.89 -7.21 37.44
C GLY D 282 7.89 -8.25 37.00
N ASN D 283 7.88 -8.60 35.71
CA ASN D 283 8.85 -9.56 35.17
C ASN D 283 9.99 -8.84 34.45
N GLU D 284 11.16 -9.48 34.39
CA GLU D 284 12.24 -8.96 33.58
C GLU D 284 11.80 -8.98 32.13
N ALA D 285 12.00 -7.88 31.42
CA ALA D 285 11.56 -7.78 30.03
C ALA D 285 12.47 -6.86 29.22
N GLU D 286 13.02 -7.39 28.13
CA GLU D 286 13.81 -6.60 27.20
C GLU D 286 13.11 -6.52 25.86
N LEU D 287 13.17 -5.35 25.24
CA LEU D 287 12.56 -5.12 23.94
C LEU D 287 13.63 -4.68 22.95
N ALA D 288 13.82 -5.46 21.89
CA ALA D 288 14.82 -5.14 20.90
C ALA D 288 14.11 -4.91 19.56
N VAL D 289 14.15 -3.66 19.11
CA VAL D 289 13.45 -3.25 17.90
C VAL D 289 14.47 -2.96 16.80
N TYR D 290 14.22 -3.50 15.61
CA TYR D 290 15.22 -3.43 14.54
C TYR D 290 14.66 -2.69 13.33
N PRO D 291 15.27 -1.54 13.02
CA PRO D 291 14.77 -0.59 12.01
C PRO D 291 14.63 -1.25 10.64
N GLY D 292 13.41 -1.25 10.11
CA GLY D 292 13.17 -1.75 8.76
C GLY D 292 13.03 -3.25 8.67
N GLY D 293 13.18 -3.93 9.80
CA GLY D 293 13.06 -5.37 9.85
C GLY D 293 11.70 -5.87 9.42
N ALA D 294 11.70 -6.75 8.43
CA ALA D 294 10.45 -7.38 7.99
C ALA D 294 10.01 -8.40 9.03
N HIS D 295 8.74 -8.82 8.96
CA HIS D 295 8.33 -10.02 9.67
C HIS D 295 9.22 -11.18 9.20
N GLY D 296 9.82 -11.89 10.15
CA GLY D 296 10.65 -13.03 9.82
C GLY D 296 12.08 -12.69 9.42
N PHE D 297 12.52 -11.47 9.76
CA PHE D 297 13.78 -10.95 9.20
C PHE D 297 14.99 -11.71 9.73
N VAL D 298 14.89 -12.26 10.94
CA VAL D 298 16.02 -12.96 11.54
C VAL D 298 16.43 -14.22 10.76
N ALA D 299 15.55 -14.69 9.89
CA ALA D 299 15.83 -15.89 9.11
C ALA D 299 16.64 -15.58 7.86
N PHE D 300 16.82 -14.29 7.57
CA PHE D 300 17.48 -13.86 6.35
C PHE D 300 18.92 -13.48 6.63
N PRO D 301 19.81 -13.64 5.63
CA PRO D 301 21.15 -13.08 5.83
C PRO D 301 21.13 -11.55 5.76
N GLY D 302 22.16 -10.91 6.30
CA GLY D 302 22.19 -9.46 6.40
C GLY D 302 22.54 -9.01 7.80
N ALA D 303 23.09 -7.81 7.91
CA ALA D 303 23.63 -7.33 9.17
C ALA D 303 22.54 -7.05 10.22
N LEU D 304 21.35 -6.66 9.78
CA LEU D 304 20.26 -6.44 10.72
C LEU D 304 19.87 -7.76 11.39
N ALA D 305 19.76 -8.81 10.59
CA ALA D 305 19.40 -10.11 11.12
C ALA D 305 20.50 -10.63 12.03
N ALA D 306 21.75 -10.44 11.61
CA ALA D 306 22.91 -10.86 12.39
C ALA D 306 22.93 -10.22 13.77
N SER D 307 22.54 -8.94 13.84
CA SER D 307 22.49 -8.22 15.10
C SER D 307 21.43 -8.79 16.03
N ALA D 308 20.27 -9.10 15.46
CA ALA D 308 19.18 -9.71 16.22
C ALA D 308 19.59 -11.09 16.71
N VAL D 309 20.20 -11.88 15.83
CA VAL D 309 20.67 -13.20 16.19
C VAL D 309 21.68 -13.15 17.32
N GLN D 310 22.64 -12.24 17.22
CA GLN D 310 23.67 -12.12 18.25
C GLN D 310 23.05 -11.79 19.61
N ARG D 311 22.03 -10.95 19.60
CA ARG D 311 21.39 -10.57 20.85
C ARG D 311 20.56 -11.69 21.45
N MET D 312 19.77 -12.36 20.62
CA MET D 312 18.95 -13.48 21.07
C MET D 312 19.80 -14.60 21.63
N ASP D 313 20.89 -14.92 20.95
CA ASP D 313 21.72 -16.04 21.37
C ASP D 313 22.41 -15.73 22.71
N ALA D 314 22.89 -14.51 22.88
CA ALA D 314 23.53 -14.10 24.11
C ALA D 314 22.51 -14.11 25.27
N PHE D 315 21.28 -13.71 24.95
CA PHE D 315 20.18 -13.76 25.92
C PHE D 315 20.03 -15.18 26.46
N LEU D 316 19.91 -16.15 25.56
CA LEU D 316 19.79 -17.55 25.97
C LEU D 316 21.04 -18.06 26.70
N LYS D 317 22.22 -17.65 26.24
CA LYS D 317 23.46 -18.15 26.83
C LYS D 317 23.61 -17.64 28.27
N ARG D 318 23.03 -16.47 28.53
CA ARG D 318 23.09 -15.83 29.83
C ARG D 318 22.63 -16.75 30.96
N PHE D 319 21.65 -17.60 30.68
CA PHE D 319 21.04 -18.43 31.71
C PHE D 319 21.81 -19.72 31.98
N THR D 320 22.87 -19.95 31.22
CA THR D 320 23.74 -21.10 31.49
C THR D 320 24.87 -20.72 32.43
N ASP D 321 25.10 -21.57 33.43
CA ASP D 321 26.19 -21.37 34.38
C ASP D 321 26.35 -22.59 35.29
#